data_4QPI
#
_entry.id   4QPI
#
_cell.length_a   291.479
_cell.length_b   423.261
_cell.length_c   314.827
_cell.angle_alpha   90.00
_cell.angle_beta   100.152
_cell.angle_gamma   90.00
#
_symmetry.space_group_name_H-M   'P 1 21 1'
#
loop_
_entity.id
_entity.type
_entity.pdbx_description
1 polymer 'Capsid protein VP1'
2 polymer 'Capsid protein VP2'
3 polymer 'Capsid protein VP3'
4 non-polymer 'SULFATE ION'
5 non-polymer 'CHLORIDE ION'
#
loop_
_entity_poly.entity_id
_entity_poly.type
_entity_poly.pdbx_seq_one_letter_code
_entity_poly.pdbx_strand_id
1 'polypeptide(L)'
;VGDDSGGFSTTVSTEQNVPDPQVGITTMRDLKGKANRGKMDVSGVQAPVGAITTIEDPVLAKKVPETFPELKPGESRHTS
DHMSIYKFMGRSHFLCTFTFNSNNKEYTFPITLSSTSNPPHGLPSTLRWFFNLFQLYRGPLDLTIIITGATDVDGMAWFT
PVGLAVDTPWVEKESALQIDYKTALGAVRFNTRRTGNIQIRLPWYSYLYAVSGALDGLGDKTDSTFGLVSIQIANYNHSD
EYLSFSCYLSVTEQSEFYFPRAPLNSNAMLSTESMMSR
;
A
2 'polypeptide(L)'
;DIEEEQMIQSVDRTAVTGASYFTSVDQSSVHTAEVGSHQIEPLKTSVDKPGSKKTQGEKFFLIHSARWLTTHALFHEVAK
LDVVKLLYNEQFAVQGLLRYHTYARFGIEIQVQINPTPFQQGGLICAMVPGDQSYGSIASLTVYPHGLLNCNINNVVRIK
VPFIYTRGAYHFKDPQYPVWELTIRVWSELNIGTGTSAYTSLNVLARFTDLELHGLTPLSTQ
;
B
3 'polypeptide(L)'
;MMRNETRVSTTENVVNLSNYEDARAKMSFALDQEDWKSDPSQGGGIKITHFTTWTSIPTLAAQFPFNASDSVGQQIKVIP
VDPYFFQMTNTNPDQKCITALASICQMFCFWRGDLVFDFQVFPTKYHSGRLLFCFVPGNELIDVTGITLKQATTAPCAVM
DIAGVQSTLRFRVPWISDTPYRVNRYTKEAHQKGEYTAIGKLIVYCYNRLTSPSNVAHHVRVNVYLSAINLECFAPLYHA
MDVTTQ
;
C
#
loop_
_chem_comp.id
_chem_comp.type
_chem_comp.name
_chem_comp.formula
CL non-polymer 'CHLORIDE ION' 'Cl -1'
SO4 non-polymer 'SULFATE ION' 'O4 S -2'
#
# COMPACT_ATOMS: atom_id res chain seq x y z
N ASP A 3 22.83 1.82 -14.62
CA ASP A 3 21.42 1.56 -15.05
C ASP A 3 21.40 0.98 -16.47
N ASP A 4 20.82 -0.21 -16.60
CA ASP A 4 20.74 -0.89 -17.89
C ASP A 4 19.86 -0.12 -18.89
N SER A 5 19.05 0.81 -18.38
CA SER A 5 18.16 1.58 -19.22
C SER A 5 18.82 2.77 -19.92
N GLY A 6 20.15 2.77 -19.96
CA GLY A 6 20.86 3.86 -20.61
C GLY A 6 20.83 5.16 -19.84
N GLY A 7 20.53 5.05 -18.54
CA GLY A 7 20.49 6.23 -17.68
C GLY A 7 21.75 6.32 -16.84
N PHE A 8 22.08 7.51 -16.39
CA PHE A 8 23.29 7.73 -15.59
C PHE A 8 23.02 8.66 -14.42
N SER A 9 23.86 8.59 -13.39
CA SER A 9 23.69 9.43 -12.22
C SER A 9 25.02 9.58 -11.53
N THR A 10 25.13 10.58 -10.67
CA THR A 10 26.37 10.79 -9.94
C THR A 10 26.13 10.42 -8.48
N THR A 11 24.90 10.60 -8.00
CA THR A 11 24.57 10.22 -6.61
C THR A 11 23.92 8.85 -6.73
N VAL A 12 23.83 8.13 -5.62
CA VAL A 12 23.27 6.78 -5.62
C VAL A 12 21.76 6.65 -5.61
N SER A 13 21.31 5.40 -5.62
CA SER A 13 19.89 5.08 -5.60
C SER A 13 19.70 3.86 -4.70
N THR A 14 19.24 4.06 -3.47
CA THR A 14 19.02 2.92 -2.59
C THR A 14 17.56 2.55 -2.52
N GLU A 15 17.32 1.36 -1.96
CA GLU A 15 15.98 0.84 -1.81
C GLU A 15 15.21 1.68 -0.83
N GLN A 16 13.98 2.04 -1.19
CA GLN A 16 13.15 2.84 -0.30
C GLN A 16 12.02 1.99 0.25
N ASN A 17 11.75 2.11 1.54
CA ASN A 17 10.66 1.35 2.14
C ASN A 17 10.74 -0.10 1.68
N VAL A 18 11.68 -0.85 2.26
CA VAL A 18 11.83 -2.23 1.87
C VAL A 18 10.89 -3.14 2.63
N PRO A 19 10.28 -4.10 1.93
CA PRO A 19 9.35 -5.02 2.58
C PRO A 19 9.99 -5.90 3.67
N ASP A 20 9.16 -6.37 4.59
CA ASP A 20 9.56 -7.24 5.70
C ASP A 20 10.96 -6.94 6.24
N PRO A 21 11.16 -5.74 6.81
CA PRO A 21 12.43 -5.27 7.37
C PRO A 21 12.88 -5.89 8.67
N GLN A 22 11.94 -6.11 9.58
CA GLN A 22 12.28 -6.68 10.88
C GLN A 22 11.19 -7.69 11.26
N VAL A 23 11.47 -8.54 12.24
CA VAL A 23 10.48 -9.51 12.70
C VAL A 23 9.42 -8.79 13.51
N GLY A 24 8.34 -9.48 13.86
CA GLY A 24 7.28 -8.84 14.62
C GLY A 24 7.18 -9.26 16.08
N ILE A 25 8.11 -10.11 16.52
CA ILE A 25 8.10 -10.58 17.91
C ILE A 25 9.42 -10.25 18.58
N THR A 26 9.35 -9.75 19.82
CA THR A 26 10.54 -9.37 20.57
C THR A 26 11.51 -10.53 20.73
N THR A 27 12.63 -10.44 20.03
CA THR A 27 13.67 -11.47 20.06
C THR A 27 14.98 -10.88 19.59
N MET A 28 16.05 -11.66 19.69
CA MET A 28 17.36 -11.19 19.26
C MET A 28 17.78 -11.88 17.95
N ARG A 29 17.52 -11.18 16.85
CA ARG A 29 17.81 -11.65 15.50
C ARG A 29 19.28 -11.55 15.12
N MET A 40 24.61 -7.03 26.05
CA MET A 40 24.83 -5.83 25.26
C MET A 40 23.60 -4.90 25.25
N ASP A 41 23.65 -3.86 24.40
CA ASP A 41 22.58 -2.87 24.26
C ASP A 41 22.10 -2.80 22.79
N VAL A 42 21.05 -2.02 22.53
CA VAL A 42 20.54 -1.84 21.17
C VAL A 42 21.16 -0.54 20.66
N SER A 43 21.69 0.24 21.61
CA SER A 43 22.33 1.54 21.34
C SER A 43 22.65 2.24 22.66
N GLY A 44 23.87 2.71 22.85
CA GLY A 44 24.19 3.38 24.10
C GLY A 44 25.65 3.64 24.39
N VAL A 45 25.89 4.45 25.42
CA VAL A 45 27.22 4.87 25.90
C VAL A 45 28.27 5.14 24.78
N GLN A 46 27.75 5.42 23.59
CA GLN A 46 28.54 5.70 22.39
C GLN A 46 28.36 7.14 21.90
N ALA A 47 27.29 7.37 21.15
CA ALA A 47 26.91 8.68 20.59
C ALA A 47 25.81 8.43 19.57
N PRO A 48 24.58 8.85 19.86
CA PRO A 48 23.41 8.67 18.99
C PRO A 48 23.42 9.51 17.71
N VAL A 49 24.13 9.02 16.70
CA VAL A 49 24.22 9.71 15.42
C VAL A 49 22.88 9.59 14.68
N GLY A 50 22.14 8.54 14.99
CA GLY A 50 20.86 8.32 14.35
C GLY A 50 19.77 9.18 14.95
N ALA A 51 20.17 10.23 15.66
CA ALA A 51 19.20 11.12 16.29
C ALA A 51 18.95 12.30 15.37
N ILE A 52 19.76 12.40 14.34
CA ILE A 52 19.64 13.48 13.39
C ILE A 52 19.80 13.01 11.95
N THR A 53 18.99 13.57 11.05
CA THR A 53 19.03 13.19 9.65
C THR A 53 18.21 14.12 8.75
N THR A 54 18.40 13.98 7.45
CA THR A 54 17.66 14.78 6.49
C THR A 54 16.67 13.87 5.79
N ILE A 55 15.52 13.69 6.44
CA ILE A 55 14.47 12.82 5.92
C ILE A 55 14.15 12.93 4.43
N GLU A 56 14.37 14.10 3.83
CA GLU A 56 14.09 14.25 2.42
C GLU A 56 14.96 13.33 1.56
N ASP A 57 16.18 13.04 2.04
CA ASP A 57 17.09 12.14 1.32
C ASP A 57 16.83 10.67 1.69
N PRO A 58 16.44 9.86 0.70
CA PRO A 58 16.14 8.43 0.84
C PRO A 58 17.21 7.61 1.54
N VAL A 59 18.46 7.88 1.22
CA VAL A 59 19.57 7.16 1.84
C VAL A 59 19.60 7.49 3.33
N LEU A 60 19.92 8.74 3.63
CA LEU A 60 19.99 9.22 5.00
C LEU A 60 18.82 8.78 5.89
N ALA A 61 17.62 8.80 5.32
CA ALA A 61 16.41 8.45 6.04
C ALA A 61 16.41 7.02 6.57
N LYS A 62 17.17 6.15 5.91
CA LYS A 62 17.27 4.75 6.33
C LYS A 62 18.22 4.61 7.52
N LYS A 63 19.04 5.64 7.77
CA LYS A 63 19.97 5.62 8.89
C LYS A 63 19.14 5.22 10.13
N VAL A 64 19.61 4.19 10.84
CA VAL A 64 18.86 3.72 12.00
C VAL A 64 18.63 4.73 13.10
N PRO A 65 17.37 4.93 13.47
CA PRO A 65 17.01 5.88 14.52
C PRO A 65 17.48 5.42 15.89
N GLU A 66 18.06 6.35 16.64
CA GLU A 66 18.55 6.10 17.99
C GLU A 66 18.67 7.44 18.71
N THR A 67 18.07 7.56 19.89
CA THR A 67 18.16 8.81 20.62
C THR A 67 18.77 8.69 22.00
N PHE A 68 18.44 7.61 22.69
CA PHE A 68 19.00 7.41 24.02
C PHE A 68 19.51 6.00 24.20
N PRO A 69 20.28 5.78 25.26
CA PRO A 69 20.84 4.46 25.55
C PRO A 69 19.76 3.48 26.00
N GLU A 70 19.61 2.39 25.26
CA GLU A 70 18.60 1.35 25.59
C GLU A 70 19.30 -0.01 25.68
N LEU A 71 18.63 -1.01 26.27
CA LEU A 71 19.20 -2.35 26.36
C LEU A 71 18.40 -3.29 25.45
N LYS A 72 18.94 -4.47 25.19
CA LYS A 72 18.22 -5.41 24.33
C LYS A 72 16.94 -5.83 25.04
N PRO A 73 15.81 -5.77 24.32
CA PRO A 73 14.48 -6.13 24.81
C PRO A 73 14.35 -7.52 25.41
N GLY A 74 14.90 -8.52 24.73
CA GLY A 74 14.80 -9.87 25.26
C GLY A 74 13.97 -10.81 24.42
N GLU A 75 13.26 -11.73 25.07
CA GLU A 75 12.43 -12.72 24.39
C GLU A 75 10.95 -12.66 24.74
N SER A 76 10.11 -12.71 23.73
CA SER A 76 8.66 -12.69 23.94
C SER A 76 8.25 -14.04 24.52
N ARG A 77 7.17 -14.04 25.29
CA ARG A 77 6.73 -15.27 25.91
C ARG A 77 5.92 -16.20 25.02
N HIS A 78 5.42 -15.70 23.89
CA HIS A 78 4.61 -16.52 23.01
C HIS A 78 5.30 -16.97 21.71
N THR A 79 5.14 -18.25 21.40
CA THR A 79 5.72 -18.93 20.23
C THR A 79 5.74 -18.20 18.89
N SER A 80 4.55 -18.05 18.32
CA SER A 80 4.40 -17.45 17.00
C SER A 80 4.30 -15.93 16.96
N ASP A 81 4.81 -15.37 15.86
CA ASP A 81 4.82 -13.92 15.63
C ASP A 81 3.52 -13.44 15.01
N HIS A 82 2.67 -12.82 15.82
CA HIS A 82 1.37 -12.33 15.35
C HIS A 82 1.39 -11.33 14.19
N MET A 83 2.57 -10.85 13.81
CA MET A 83 2.61 -9.88 12.73
C MET A 83 2.91 -10.47 11.35
N SER A 84 2.99 -11.79 11.27
CA SER A 84 3.21 -12.46 9.99
C SER A 84 1.88 -12.58 9.29
N ILE A 85 1.71 -11.81 8.23
CA ILE A 85 0.46 -11.80 7.48
C ILE A 85 -0.15 -13.19 7.35
N TYR A 86 0.65 -14.15 6.90
CA TYR A 86 0.16 -15.50 6.72
C TYR A 86 -0.53 -16.02 7.97
N LYS A 87 0.09 -15.83 9.13
CA LYS A 87 -0.50 -16.30 10.37
C LYS A 87 -1.68 -15.44 10.82
N PHE A 88 -1.56 -14.13 10.67
CA PHE A 88 -2.62 -13.21 11.09
C PHE A 88 -3.86 -13.41 10.25
N MET A 89 -3.76 -13.16 8.96
CA MET A 89 -4.90 -13.35 8.08
C MET A 89 -5.25 -14.83 8.00
N GLY A 90 -4.43 -15.64 8.65
CA GLY A 90 -4.66 -17.07 8.70
C GLY A 90 -5.91 -17.30 9.52
N ARG A 91 -6.33 -16.27 10.24
CA ARG A 91 -7.54 -16.33 11.06
C ARG A 91 -8.64 -15.92 10.07
N SER A 92 -9.44 -16.88 9.65
CA SER A 92 -10.51 -16.60 8.69
C SER A 92 -11.37 -15.45 9.21
N HIS A 93 -11.29 -14.29 8.55
CA HIS A 93 -12.10 -13.13 8.97
C HIS A 93 -13.45 -13.04 8.29
N PHE A 94 -14.31 -12.16 8.80
CA PHE A 94 -15.66 -12.02 8.26
C PHE A 94 -15.78 -11.41 6.87
N LEU A 95 -16.70 -11.94 6.08
CA LEU A 95 -16.93 -11.47 4.73
C LEU A 95 -18.34 -10.93 4.46
N CYS A 96 -19.36 -11.77 4.61
CA CYS A 96 -20.71 -11.29 4.37
C CYS A 96 -21.73 -12.26 4.95
N THR A 97 -23.00 -11.89 4.84
CA THR A 97 -24.07 -12.75 5.36
C THR A 97 -25.40 -12.39 4.71
N PHE A 98 -26.21 -13.42 4.42
CA PHE A 98 -27.52 -13.22 3.77
C PHE A 98 -28.55 -14.24 4.27
N THR A 99 -29.82 -14.00 3.92
CA THR A 99 -30.91 -14.87 4.36
C THR A 99 -31.97 -15.16 3.30
N PHE A 100 -32.30 -16.45 3.15
CA PHE A 100 -33.30 -16.90 2.17
C PHE A 100 -34.72 -16.74 2.67
N ASN A 101 -35.62 -16.32 1.77
CA ASN A 101 -37.02 -16.11 2.13
C ASN A 101 -37.98 -17.13 1.52
N SER A 102 -37.76 -17.49 0.26
CA SER A 102 -38.62 -18.48 -0.40
C SER A 102 -37.82 -19.75 -0.70
N ASN A 103 -38.50 -20.79 -1.17
CA ASN A 103 -37.84 -22.06 -1.47
C ASN A 103 -37.23 -22.01 -2.88
N ASN A 104 -36.49 -23.07 -3.22
CA ASN A 104 -35.85 -23.17 -4.52
C ASN A 104 -35.37 -21.84 -5.10
N LYS A 105 -34.51 -21.16 -4.34
CA LYS A 105 -33.94 -19.88 -4.75
C LYS A 105 -32.43 -19.94 -4.60
N GLU A 106 -31.74 -18.90 -5.05
CA GLU A 106 -30.29 -18.86 -4.98
C GLU A 106 -29.70 -17.47 -4.80
N TYR A 107 -28.53 -17.40 -4.18
CA TYR A 107 -27.84 -16.15 -3.95
C TYR A 107 -26.42 -16.23 -4.52
N THR A 108 -25.97 -15.14 -5.13
CA THR A 108 -24.63 -15.14 -5.71
C THR A 108 -23.89 -13.88 -5.29
N PHE A 109 -22.82 -14.05 -4.51
CA PHE A 109 -22.03 -12.91 -4.07
C PHE A 109 -20.62 -12.97 -4.62
N PRO A 110 -20.12 -11.82 -5.06
CA PRO A 110 -18.78 -11.70 -5.62
C PRO A 110 -17.78 -11.38 -4.54
N ILE A 111 -16.56 -11.81 -4.77
CA ILE A 111 -15.46 -11.57 -3.87
C ILE A 111 -14.68 -10.43 -4.52
N THR A 112 -15.01 -9.22 -4.09
CA THR A 112 -14.40 -8.01 -4.65
C THR A 112 -13.61 -7.12 -3.70
N LEU A 113 -12.33 -6.96 -4.02
CA LEU A 113 -11.47 -6.13 -3.21
C LEU A 113 -11.89 -4.66 -3.22
N SER A 114 -12.61 -4.25 -4.26
CA SER A 114 -13.04 -2.85 -4.39
C SER A 114 -13.30 -2.11 -3.10
N SER A 115 -12.56 -1.02 -2.92
CA SER A 115 -12.69 -0.15 -1.75
C SER A 115 -14.00 0.61 -1.93
N THR A 116 -14.39 0.75 -3.20
CA THR A 116 -15.61 1.45 -3.57
C THR A 116 -16.85 0.76 -3.06
N SER A 117 -17.07 -0.48 -3.50
CA SER A 117 -18.24 -1.23 -3.08
C SER A 117 -18.33 -1.33 -1.55
N ASN A 118 -19.25 -0.56 -0.99
CA ASN A 118 -19.47 -0.52 0.45
C ASN A 118 -20.40 -1.64 0.88
N PRO A 119 -20.15 -2.22 2.06
CA PRO A 119 -21.00 -3.31 2.54
C PRO A 119 -22.42 -2.80 2.79
N PRO A 120 -23.39 -3.72 2.94
CA PRO A 120 -23.22 -5.18 2.89
C PRO A 120 -22.83 -5.65 1.49
N HIS A 121 -23.11 -4.81 0.50
CA HIS A 121 -22.78 -5.15 -0.89
C HIS A 121 -21.30 -4.90 -1.18
N GLY A 122 -20.43 -5.37 -0.29
CA GLY A 122 -19.00 -5.18 -0.48
C GLY A 122 -18.12 -5.68 0.66
N LEU A 123 -16.80 -5.61 0.48
CA LEU A 123 -15.86 -6.04 1.49
C LEU A 123 -16.02 -5.23 2.76
N PRO A 124 -16.12 -5.93 3.92
CA PRO A 124 -16.28 -5.30 5.23
C PRO A 124 -15.11 -5.46 6.19
N SER A 125 -15.23 -4.79 7.32
CA SER A 125 -14.26 -4.85 8.40
C SER A 125 -12.83 -5.16 7.97
N THR A 126 -12.25 -6.12 8.69
CA THR A 126 -10.88 -6.57 8.49
C THR A 126 -10.52 -6.86 7.04
N LEU A 127 -11.30 -7.73 6.40
CA LEU A 127 -11.00 -8.08 5.02
C LEU A 127 -10.88 -6.82 4.15
N ARG A 128 -11.79 -5.88 4.34
CA ARG A 128 -11.77 -4.63 3.59
C ARG A 128 -10.43 -3.94 3.87
N TRP A 129 -10.13 -3.76 5.14
CA TRP A 129 -8.89 -3.13 5.57
C TRP A 129 -7.67 -3.77 4.96
N PHE A 130 -7.52 -5.06 5.22
CA PHE A 130 -6.38 -5.82 4.74
C PHE A 130 -6.09 -5.70 3.26
N PHE A 131 -7.09 -5.97 2.44
CA PHE A 131 -6.90 -5.93 1.00
C PHE A 131 -6.65 -4.57 0.38
N ASN A 132 -6.43 -3.57 1.21
CA ASN A 132 -6.15 -2.26 0.67
C ASN A 132 -4.82 -1.77 1.17
N LEU A 133 -4.08 -2.69 1.80
CA LEU A 133 -2.76 -2.41 2.32
C LEU A 133 -1.72 -2.58 1.23
N PHE A 134 -2.14 -3.21 0.14
CA PHE A 134 -1.25 -3.45 -0.98
C PHE A 134 -1.98 -3.43 -2.31
N GLN A 135 -1.21 -3.28 -3.39
CA GLN A 135 -1.75 -3.16 -4.73
C GLN A 135 -2.19 -4.44 -5.43
N LEU A 136 -1.40 -5.49 -5.34
CA LEU A 136 -1.77 -6.70 -6.05
C LEU A 136 -1.90 -7.97 -5.24
N TYR A 137 -2.95 -8.73 -5.55
CA TYR A 137 -3.18 -10.00 -4.88
C TYR A 137 -3.42 -11.10 -5.89
N ARG A 138 -3.01 -12.30 -5.52
CA ARG A 138 -3.20 -13.49 -6.36
C ARG A 138 -2.93 -14.69 -5.47
N GLY A 139 -3.52 -15.83 -5.83
CA GLY A 139 -3.33 -17.02 -5.04
C GLY A 139 -4.64 -17.50 -4.45
N PRO A 140 -4.77 -18.81 -4.19
CA PRO A 140 -5.99 -19.41 -3.62
C PRO A 140 -6.41 -18.84 -2.26
N LEU A 141 -7.67 -19.06 -1.90
CA LEU A 141 -8.21 -18.57 -0.64
C LEU A 141 -9.14 -19.60 -0.01
N ASP A 142 -8.94 -19.85 1.28
CA ASP A 142 -9.76 -20.82 1.98
C ASP A 142 -11.02 -20.23 2.60
N LEU A 143 -12.10 -20.34 1.83
CA LEU A 143 -13.39 -19.88 2.24
C LEU A 143 -14.02 -20.92 3.15
N THR A 144 -14.74 -20.45 4.15
CA THR A 144 -15.42 -21.34 5.09
C THR A 144 -16.74 -20.65 5.36
N ILE A 145 -17.84 -21.39 5.25
CA ILE A 145 -19.17 -20.79 5.48
C ILE A 145 -20.06 -21.49 6.49
N ILE A 146 -20.62 -20.70 7.40
CA ILE A 146 -21.47 -21.22 8.45
C ILE A 146 -22.95 -21.08 8.16
N ILE A 147 -23.67 -22.18 8.39
CA ILE A 147 -25.10 -22.21 8.17
C ILE A 147 -25.84 -21.95 9.47
N THR A 148 -26.85 -21.10 9.41
CA THR A 148 -27.62 -20.76 10.60
C THR A 148 -29.11 -20.99 10.41
N GLY A 149 -29.73 -21.57 11.43
CA GLY A 149 -31.16 -21.77 11.36
C GLY A 149 -31.66 -23.13 10.91
N ALA A 150 -32.46 -23.11 9.85
CA ALA A 150 -33.11 -24.28 9.24
C ALA A 150 -32.48 -25.66 9.42
N THR A 151 -33.13 -26.65 8.83
CA THR A 151 -32.64 -28.02 8.93
C THR A 151 -33.25 -28.94 7.88
N ASP A 152 -32.50 -29.97 7.48
CA ASP A 152 -32.94 -30.89 6.45
C ASP A 152 -33.17 -30.11 5.15
N VAL A 153 -32.31 -29.11 4.92
CA VAL A 153 -32.36 -28.28 3.73
C VAL A 153 -31.21 -28.67 2.80
N ASP A 154 -31.51 -29.21 1.62
CA ASP A 154 -30.43 -29.58 0.72
C ASP A 154 -29.88 -28.30 0.08
N GLY A 155 -28.56 -28.23 -0.06
CA GLY A 155 -27.95 -27.06 -0.64
C GLY A 155 -26.76 -27.39 -1.53
N MET A 156 -26.38 -26.42 -2.35
CA MET A 156 -25.27 -26.57 -3.29
C MET A 156 -24.54 -25.24 -3.47
N ALA A 157 -23.25 -25.31 -3.76
CA ALA A 157 -22.46 -24.11 -3.96
C ALA A 157 -21.34 -24.30 -4.98
N TRP A 158 -21.08 -23.26 -5.76
CA TRP A 158 -20.04 -23.33 -6.79
C TRP A 158 -19.24 -22.06 -7.00
N PHE A 159 -17.97 -22.23 -7.33
CA PHE A 159 -17.11 -21.08 -7.56
C PHE A 159 -17.05 -20.70 -9.03
N THR A 160 -17.44 -19.46 -9.32
CA THR A 160 -17.46 -18.95 -10.69
C THR A 160 -16.37 -17.90 -10.88
N PRO A 161 -15.46 -18.14 -11.84
CA PRO A 161 -14.36 -17.22 -12.15
C PRO A 161 -14.78 -15.95 -12.87
N VAL A 162 -14.03 -14.89 -12.63
CA VAL A 162 -14.27 -13.60 -13.24
C VAL A 162 -14.40 -13.69 -14.76
N GLY A 163 -15.42 -13.07 -15.30
CA GLY A 163 -15.61 -13.07 -16.73
C GLY A 163 -16.52 -14.13 -17.33
N LEU A 164 -17.26 -14.83 -16.49
CA LEU A 164 -18.14 -15.87 -17.01
C LEU A 164 -19.56 -15.71 -16.52
N ALA A 165 -20.47 -16.41 -17.18
CA ALA A 165 -21.87 -16.34 -16.83
C ALA A 165 -22.09 -16.65 -15.35
N VAL A 166 -23.04 -15.95 -14.75
CA VAL A 166 -23.38 -16.17 -13.35
C VAL A 166 -24.56 -15.31 -12.93
N ASP A 167 -25.47 -15.91 -12.16
CA ASP A 167 -26.66 -15.20 -11.70
C ASP A 167 -26.32 -13.85 -11.11
N THR A 168 -27.20 -12.88 -11.36
CA THR A 168 -27.02 -11.51 -10.88
C THR A 168 -26.60 -11.42 -9.40
N PRO A 169 -25.49 -10.71 -9.15
CA PRO A 169 -24.86 -10.47 -7.85
C PRO A 169 -25.75 -9.88 -6.77
N TRP A 170 -25.26 -10.01 -5.55
CA TRP A 170 -25.95 -9.50 -4.37
C TRP A 170 -27.48 -9.61 -4.42
N VAL A 171 -28.01 -10.61 -5.10
CA VAL A 171 -29.45 -10.75 -5.22
C VAL A 171 -30.05 -12.15 -5.10
N GLU A 172 -31.04 -12.28 -4.22
CA GLU A 172 -31.73 -13.56 -4.04
C GLU A 172 -32.78 -13.64 -5.12
N LYS A 173 -32.72 -14.70 -5.92
CA LYS A 173 -33.69 -14.89 -6.99
C LYS A 173 -33.63 -16.34 -7.47
N GLU A 174 -34.51 -16.69 -8.39
CA GLU A 174 -34.51 -18.05 -8.92
C GLU A 174 -33.39 -18.13 -9.95
N SER A 175 -32.52 -19.11 -9.77
CA SER A 175 -31.39 -19.29 -10.68
C SER A 175 -31.83 -19.33 -12.12
N ALA A 176 -30.97 -18.81 -13.00
CA ALA A 176 -31.25 -18.80 -14.42
C ALA A 176 -30.16 -19.59 -15.12
N LEU A 177 -29.61 -20.58 -14.42
CA LEU A 177 -28.55 -21.38 -14.99
C LEU A 177 -28.76 -22.90 -15.03
N GLN A 178 -28.41 -23.48 -16.18
CA GLN A 178 -28.52 -24.91 -16.41
C GLN A 178 -27.83 -25.68 -15.29
N ILE A 179 -28.53 -26.62 -14.67
CA ILE A 179 -27.94 -27.42 -13.60
C ILE A 179 -26.57 -27.93 -14.06
N ASP A 180 -26.52 -28.28 -15.34
CA ASP A 180 -25.31 -28.77 -15.97
C ASP A 180 -24.21 -27.75 -15.76
N TYR A 181 -24.42 -26.56 -16.30
CA TYR A 181 -23.45 -25.47 -16.19
C TYR A 181 -22.93 -25.31 -14.77
N LYS A 182 -23.86 -25.14 -13.82
CA LYS A 182 -23.48 -24.98 -12.41
C LYS A 182 -22.47 -26.05 -12.01
N THR A 183 -22.95 -27.28 -11.93
CA THR A 183 -22.09 -28.40 -11.53
C THR A 183 -20.76 -28.44 -12.30
N ALA A 184 -20.80 -28.17 -13.60
CA ALA A 184 -19.60 -28.19 -14.44
C ALA A 184 -18.39 -27.41 -13.92
N LEU A 185 -18.61 -26.24 -13.32
CA LEU A 185 -17.51 -25.40 -12.81
C LEU A 185 -16.92 -25.92 -11.52
N GLY A 186 -17.39 -27.10 -11.12
CA GLY A 186 -16.93 -27.68 -9.88
C GLY A 186 -17.85 -27.15 -8.80
N ALA A 187 -18.59 -28.05 -8.18
CA ALA A 187 -19.53 -27.66 -7.14
C ALA A 187 -19.56 -28.65 -5.99
N VAL A 188 -20.32 -28.28 -4.96
CA VAL A 188 -20.46 -29.10 -3.76
C VAL A 188 -21.90 -29.12 -3.26
N ARG A 189 -22.31 -30.25 -2.70
CA ARG A 189 -23.65 -30.38 -2.15
C ARG A 189 -23.58 -30.79 -0.70
N PHE A 190 -24.55 -30.31 0.06
CA PHE A 190 -24.58 -30.55 1.49
C PHE A 190 -25.99 -30.40 2.03
N ASN A 191 -26.17 -30.79 3.29
CA ASN A 191 -27.47 -30.70 3.95
C ASN A 191 -27.34 -30.19 5.37
N THR A 192 -28.13 -29.16 5.69
CA THR A 192 -28.09 -28.55 7.01
C THR A 192 -28.11 -29.55 8.17
N ARG A 193 -28.95 -30.57 8.08
CA ARG A 193 -29.02 -31.56 9.15
C ARG A 193 -27.66 -32.18 9.47
N ARG A 194 -27.02 -32.78 8.47
CA ARG A 194 -25.73 -33.44 8.68
C ARG A 194 -24.51 -32.53 8.94
N THR A 195 -24.56 -31.24 8.60
CA THR A 195 -23.39 -30.41 8.86
C THR A 195 -23.61 -29.05 9.55
N GLY A 196 -23.74 -27.99 8.75
CA GLY A 196 -23.94 -26.68 9.33
C GLY A 196 -22.74 -25.77 9.07
N ASN A 197 -21.81 -26.27 8.27
CA ASN A 197 -20.62 -25.49 7.94
C ASN A 197 -19.83 -26.15 6.82
N ILE A 198 -19.20 -25.33 5.99
CA ILE A 198 -18.41 -25.82 4.87
C ILE A 198 -17.10 -25.05 4.66
N GLN A 199 -15.98 -25.78 4.64
CA GLN A 199 -14.67 -25.16 4.43
C GLN A 199 -14.04 -25.67 3.17
N ILE A 200 -14.13 -24.90 2.09
CA ILE A 200 -13.54 -25.32 0.83
C ILE A 200 -12.65 -24.24 0.26
N ARG A 201 -11.64 -24.66 -0.48
CA ARG A 201 -10.68 -23.75 -1.08
C ARG A 201 -11.07 -23.17 -2.43
N LEU A 202 -10.88 -21.86 -2.57
CA LEU A 202 -11.19 -21.14 -3.81
C LEU A 202 -9.90 -21.00 -4.63
N PRO A 203 -9.93 -21.44 -5.90
CA PRO A 203 -8.77 -21.40 -6.81
C PRO A 203 -8.41 -20.05 -7.43
N TRP A 204 -7.14 -19.93 -7.81
CA TRP A 204 -6.64 -18.72 -8.45
C TRP A 204 -6.89 -18.91 -9.94
N TYR A 205 -8.15 -18.91 -10.32
CA TYR A 205 -8.51 -19.07 -11.72
C TYR A 205 -8.98 -17.72 -12.26
N SER A 206 -8.07 -17.02 -12.92
CA SER A 206 -8.41 -15.72 -13.48
C SER A 206 -7.49 -15.44 -14.64
N TYR A 207 -8.01 -14.72 -15.62
CA TYR A 207 -7.23 -14.38 -16.81
C TYR A 207 -6.25 -13.27 -16.52
N LEU A 208 -6.33 -12.72 -15.31
CA LEU A 208 -5.46 -11.64 -14.91
C LEU A 208 -4.24 -12.18 -14.20
N TYR A 209 -3.25 -11.32 -14.00
CA TYR A 209 -2.02 -11.71 -13.30
C TYR A 209 -2.35 -11.66 -11.83
N ALA A 210 -3.14 -10.65 -11.47
CA ALA A 210 -3.57 -10.44 -10.10
C ALA A 210 -4.75 -9.48 -10.07
N VAL A 211 -5.34 -9.33 -8.88
CA VAL A 211 -6.47 -8.43 -8.68
C VAL A 211 -6.08 -7.34 -7.70
N SER A 212 -6.89 -6.29 -7.63
CA SER A 212 -6.65 -5.17 -6.73
C SER A 212 -7.91 -4.48 -6.22
N GLY A 213 -7.80 -3.86 -5.05
CA GLY A 213 -8.93 -3.17 -4.45
C GLY A 213 -9.01 -1.71 -4.85
N ALA A 214 -7.86 -1.03 -4.76
CA ALA A 214 -7.77 0.38 -5.11
C ALA A 214 -7.70 0.57 -6.62
N LEU A 215 -8.82 0.98 -7.21
CA LEU A 215 -8.88 1.20 -8.65
C LEU A 215 -9.90 2.28 -8.98
N ASP A 216 -10.11 2.53 -10.27
CA ASP A 216 -11.06 3.54 -10.68
C ASP A 216 -12.14 3.00 -11.61
N GLY A 217 -13.39 3.18 -11.22
CA GLY A 217 -14.50 2.72 -12.04
C GLY A 217 -14.24 1.55 -12.97
N LEU A 218 -13.88 1.82 -14.22
CA LEU A 218 -13.63 0.78 -15.23
C LEU A 218 -12.90 -0.45 -14.69
N GLY A 219 -11.59 -0.32 -14.48
CA GLY A 219 -10.84 -1.46 -13.96
C GLY A 219 -11.46 -1.97 -12.69
N ASP A 220 -12.02 -1.06 -11.90
CA ASP A 220 -12.67 -1.39 -10.65
C ASP A 220 -13.85 -2.33 -10.88
N LYS A 221 -14.12 -2.65 -12.15
CA LYS A 221 -15.24 -3.53 -12.46
C LYS A 221 -14.79 -4.89 -12.98
N THR A 222 -13.54 -4.98 -13.42
CA THR A 222 -13.01 -6.24 -13.95
C THR A 222 -11.81 -6.79 -13.20
N ASP A 223 -10.89 -5.92 -12.86
CA ASP A 223 -9.67 -6.32 -12.18
C ASP A 223 -9.68 -6.23 -10.66
N SER A 224 -10.87 -6.18 -10.08
CA SER A 224 -10.97 -6.09 -8.64
C SER A 224 -11.69 -7.30 -8.10
N THR A 225 -11.72 -8.38 -8.88
CA THR A 225 -12.42 -9.55 -8.40
C THR A 225 -11.75 -10.89 -8.54
N PHE A 226 -11.67 -11.57 -7.40
CA PHE A 226 -11.08 -12.89 -7.31
C PHE A 226 -11.99 -13.79 -8.13
N GLY A 227 -13.25 -13.81 -7.70
CA GLY A 227 -14.26 -14.61 -8.37
C GLY A 227 -15.59 -14.50 -7.65
N LEU A 228 -16.49 -15.45 -7.89
CA LEU A 228 -17.80 -15.42 -7.23
C LEU A 228 -18.28 -16.75 -6.73
N VAL A 229 -19.08 -16.66 -5.67
CA VAL A 229 -19.64 -17.82 -5.04
C VAL A 229 -21.16 -17.79 -5.17
N SER A 230 -21.75 -18.95 -5.39
CA SER A 230 -23.19 -19.02 -5.52
C SER A 230 -23.73 -20.18 -4.69
N ILE A 231 -24.71 -19.87 -3.84
CA ILE A 231 -25.33 -20.89 -2.99
C ILE A 231 -26.81 -21.02 -3.31
N GLN A 232 -27.24 -22.24 -3.60
CA GLN A 232 -28.64 -22.49 -3.95
C GLN A 232 -29.26 -23.51 -3.01
N ILE A 233 -30.37 -23.13 -2.41
CA ILE A 233 -31.09 -23.99 -1.47
C ILE A 233 -32.16 -24.83 -2.18
N ALA A 234 -32.78 -25.72 -1.43
CA ALA A 234 -33.84 -26.59 -1.95
C ALA A 234 -34.51 -27.28 -0.78
N ASN A 235 -35.80 -27.58 -0.92
CA ASN A 235 -36.54 -28.23 0.17
C ASN A 235 -36.44 -27.36 1.41
N TYR A 236 -37.13 -26.22 1.38
CA TYR A 236 -37.12 -25.27 2.46
C TYR A 236 -38.52 -24.70 2.60
N ASN A 237 -39.48 -25.53 3.00
CA ASN A 237 -40.85 -25.04 3.16
C ASN A 237 -40.74 -23.94 4.22
N HIS A 238 -41.01 -22.69 3.83
CA HIS A 238 -40.88 -21.58 4.77
C HIS A 238 -41.82 -21.66 5.97
N SER A 239 -42.43 -22.82 6.16
CA SER A 239 -43.29 -23.05 7.32
C SER A 239 -42.26 -23.30 8.41
N ASP A 240 -41.01 -23.46 7.97
CA ASP A 240 -39.86 -23.71 8.84
C ASP A 240 -39.27 -22.38 9.31
N GLU A 241 -38.15 -22.51 10.03
CA GLU A 241 -37.41 -21.38 10.57
C GLU A 241 -36.79 -20.60 9.42
N TYR A 242 -35.91 -19.66 9.73
CA TYR A 242 -35.26 -18.90 8.67
C TYR A 242 -33.93 -19.54 8.35
N LEU A 243 -33.39 -19.23 7.19
CA LEU A 243 -32.13 -19.79 6.77
C LEU A 243 -31.11 -18.68 6.53
N SER A 244 -30.09 -18.63 7.38
CA SER A 244 -29.05 -17.62 7.27
C SER A 244 -27.72 -18.24 6.88
N PHE A 245 -26.92 -17.48 6.13
CA PHE A 245 -25.61 -17.93 5.71
C PHE A 245 -24.57 -16.88 6.04
N SER A 246 -23.43 -17.31 6.57
CA SER A 246 -22.36 -16.38 6.91
C SER A 246 -21.07 -16.90 6.28
N CYS A 247 -20.33 -16.01 5.61
CA CYS A 247 -19.08 -16.40 4.96
C CYS A 247 -17.85 -15.73 5.53
N TYR A 248 -16.78 -16.50 5.67
CA TYR A 248 -15.52 -15.97 6.18
C TYR A 248 -14.37 -16.45 5.30
N LEU A 249 -13.36 -15.59 5.15
CA LEU A 249 -12.21 -15.90 4.34
C LEU A 249 -10.90 -15.91 5.07
N SER A 250 -10.04 -16.84 4.69
CA SER A 250 -8.73 -16.94 5.30
C SER A 250 -7.73 -17.11 4.18
N VAL A 251 -6.63 -16.35 4.27
CA VAL A 251 -5.57 -16.39 3.27
C VAL A 251 -4.75 -17.69 3.38
N THR A 252 -4.27 -18.20 2.25
CA THR A 252 -3.48 -19.44 2.24
C THR A 252 -2.01 -19.12 2.03
N GLU A 253 -1.16 -20.12 2.22
CA GLU A 253 0.28 -19.97 2.06
C GLU A 253 0.67 -19.75 0.61
N GLN A 254 -0.20 -20.18 -0.30
CA GLN A 254 0.05 -20.02 -1.72
C GLN A 254 -0.47 -18.65 -2.17
N SER A 255 -0.81 -17.80 -1.21
CA SER A 255 -1.30 -16.46 -1.55
C SER A 255 -0.13 -15.50 -1.56
N GLU A 256 -0.15 -14.55 -2.48
CA GLU A 256 0.92 -13.58 -2.56
C GLU A 256 0.42 -12.16 -2.44
N PHE A 257 1.28 -11.28 -1.95
CA PHE A 257 0.91 -9.89 -1.77
C PHE A 257 2.03 -8.99 -2.28
N TYR A 258 1.73 -8.22 -3.33
CA TYR A 258 2.75 -7.33 -3.88
C TYR A 258 2.42 -5.83 -3.78
N PHE A 259 3.48 -5.07 -3.48
CA PHE A 259 3.48 -3.61 -3.36
C PHE A 259 2.54 -3.00 -2.33
N PRO A 260 3.12 -2.45 -1.25
CA PRO A 260 2.43 -1.81 -0.13
C PRO A 260 1.83 -0.47 -0.49
N ARG A 261 0.57 -0.25 -0.12
CA ARG A 261 -0.13 1.01 -0.36
C ARG A 261 -0.28 1.72 0.97
N ALA A 262 -0.77 2.96 0.92
CA ALA A 262 -1.02 3.70 2.13
C ALA A 262 -2.35 3.13 2.56
N PRO A 263 -2.47 2.73 3.82
CA PRO A 263 -3.72 2.17 4.35
C PRO A 263 -4.92 3.08 4.15
N LEU A 264 -6.10 2.47 4.08
CA LEU A 264 -7.33 3.25 3.91
C LEU A 264 -7.48 4.16 5.09
N ASN A 265 -7.93 5.39 4.86
CA ASN A 265 -8.13 6.33 5.96
C ASN A 265 -9.33 5.80 6.76
N SER A 266 -9.36 6.10 8.05
CA SER A 266 -10.42 5.59 8.89
C SER A 266 -11.86 5.80 8.40
N ASN A 267 -12.18 6.99 7.92
CA ASN A 267 -13.52 7.26 7.42
C ASN A 267 -14.02 6.25 6.39
N ALA A 268 -13.10 5.57 5.71
CA ALA A 268 -13.49 4.59 4.69
C ALA A 268 -13.56 3.18 5.23
N MET A 269 -13.14 2.98 6.48
CA MET A 269 -13.21 1.65 7.07
C MET A 269 -14.63 1.51 7.60
N LEU A 270 -15.39 0.60 6.98
CA LEU A 270 -16.77 0.36 7.36
C LEU A 270 -16.97 -1.07 7.82
N SER A 271 -18.01 -1.27 8.63
CA SER A 271 -18.32 -2.59 9.13
C SER A 271 -19.84 -2.81 9.07
N THR A 272 -20.24 -4.03 8.77
CA THR A 272 -21.66 -4.36 8.70
C THR A 272 -22.17 -4.56 10.12
N GLU A 273 -22.56 -3.46 10.75
CA GLU A 273 -23.06 -3.44 12.11
C GLU A 273 -24.32 -4.28 12.33
N SER A 274 -24.17 -5.34 13.13
CA SER A 274 -25.28 -6.23 13.45
C SER A 274 -25.13 -6.80 14.86
N MET A 275 -24.75 -8.06 14.95
CA MET A 275 -24.57 -8.72 16.23
C MET A 275 -23.98 -10.11 16.06
N GLU B 5 26.38 -38.38 -66.44
CA GLU B 5 25.30 -37.46 -66.91
C GLU B 5 25.28 -36.12 -66.15
N GLN B 6 25.48 -35.03 -66.88
CA GLN B 6 25.50 -33.67 -66.32
C GLN B 6 24.11 -33.09 -66.07
N MET B 7 23.86 -32.69 -64.83
CA MET B 7 22.58 -32.10 -64.44
C MET B 7 22.69 -30.60 -64.77
N ILE B 8 21.67 -30.05 -65.40
CA ILE B 8 21.70 -28.62 -65.73
C ILE B 8 20.75 -27.79 -64.87
N GLN B 9 21.34 -26.81 -64.19
CA GLN B 9 20.65 -25.91 -63.29
C GLN B 9 19.33 -25.29 -63.75
N SER B 10 18.29 -25.46 -62.93
CA SER B 10 16.97 -24.91 -63.20
C SER B 10 16.50 -24.25 -61.90
N VAL B 11 15.93 -23.06 -62.02
CA VAL B 11 15.47 -22.30 -60.87
C VAL B 11 14.67 -23.10 -59.82
N ASP B 12 14.55 -22.54 -58.61
CA ASP B 12 13.85 -23.16 -57.48
C ASP B 12 12.46 -22.56 -57.25
N ARG B 13 11.46 -23.18 -57.88
CA ARG B 13 10.07 -22.75 -57.80
C ARG B 13 9.63 -22.10 -56.49
N THR B 14 9.26 -22.94 -55.55
CA THR B 14 8.77 -22.52 -54.25
C THR B 14 9.84 -21.98 -53.32
N ALA B 15 9.47 -21.03 -52.47
CA ALA B 15 10.38 -20.42 -51.51
C ALA B 15 9.67 -19.50 -50.50
N VAL B 16 10.35 -19.21 -49.38
CA VAL B 16 9.78 -18.35 -48.33
C VAL B 16 10.74 -17.27 -47.83
N THR B 17 10.32 -16.01 -47.95
CA THR B 17 11.11 -14.86 -47.52
C THR B 17 10.35 -13.98 -46.56
N GLY B 18 11.06 -13.05 -45.95
CA GLY B 18 10.45 -12.12 -45.01
C GLY B 18 11.46 -11.53 -44.07
N ALA B 19 10.98 -10.69 -43.15
CA ALA B 19 11.85 -10.05 -42.18
C ALA B 19 10.96 -9.65 -41.02
N SER B 20 11.52 -9.64 -39.81
CA SER B 20 10.74 -9.27 -38.65
C SER B 20 9.37 -9.96 -38.77
N TYR B 21 8.28 -9.22 -38.54
CA TYR B 21 6.96 -9.84 -38.62
C TYR B 21 6.21 -9.72 -39.93
N PHE B 22 6.87 -10.17 -40.99
CA PHE B 22 6.28 -10.16 -42.31
C PHE B 22 6.85 -11.34 -43.09
N THR B 23 5.99 -12.27 -43.46
CA THR B 23 6.43 -13.44 -44.18
C THR B 23 5.74 -13.53 -45.53
N SER B 24 6.47 -14.04 -46.52
CA SER B 24 5.95 -14.19 -47.87
C SER B 24 6.16 -15.61 -48.37
N VAL B 25 5.16 -16.17 -49.05
CA VAL B 25 5.30 -17.51 -49.62
C VAL B 25 5.14 -17.27 -51.10
N ASP B 26 6.14 -17.66 -51.87
CA ASP B 26 6.12 -17.45 -53.32
C ASP B 26 6.22 -18.79 -54.03
N GLN B 27 5.38 -19.00 -55.04
CA GLN B 27 5.37 -20.26 -55.77
C GLN B 27 6.17 -20.31 -57.06
N SER B 28 6.30 -19.17 -57.74
CA SER B 28 7.07 -19.13 -58.98
C SER B 28 8.28 -18.23 -58.77
N SER B 29 9.00 -18.49 -57.68
CA SER B 29 10.18 -17.73 -57.25
C SER B 29 11.45 -17.84 -58.08
N VAL B 30 12.47 -17.20 -57.56
CA VAL B 30 13.79 -17.15 -58.15
C VAL B 30 14.66 -16.57 -57.04
N HIS B 31 15.98 -16.52 -57.25
CA HIS B 31 16.88 -16.01 -56.22
C HIS B 31 16.90 -14.49 -56.11
N THR B 32 17.41 -14.02 -54.98
CA THR B 32 17.48 -12.58 -54.71
C THR B 32 18.82 -11.96 -55.14
N ALA B 33 18.74 -10.78 -55.74
CA ALA B 33 19.93 -10.09 -56.20
C ALA B 33 20.37 -9.07 -55.18
N GLU B 34 21.67 -9.01 -54.93
CA GLU B 34 22.24 -8.07 -53.98
C GLU B 34 23.54 -7.48 -54.54
N VAL B 35 23.85 -6.24 -54.17
CA VAL B 35 25.08 -5.59 -54.64
C VAL B 35 25.80 -4.88 -53.53
N GLY B 36 27.12 -5.05 -53.51
CA GLY B 36 27.92 -4.44 -52.47
C GLY B 36 27.50 -4.94 -51.10
N SER B 37 28.05 -4.35 -50.06
CA SER B 37 27.73 -4.75 -48.70
C SER B 37 27.71 -3.53 -47.80
N HIS B 38 27.42 -3.74 -46.52
CA HIS B 38 27.36 -2.66 -45.54
C HIS B 38 28.72 -2.01 -45.36
N GLN B 39 28.74 -0.68 -45.42
CA GLN B 39 29.99 0.06 -45.25
C GLN B 39 29.98 0.83 -43.95
N ILE B 40 31.13 0.85 -43.27
CA ILE B 40 31.22 1.58 -42.02
C ILE B 40 31.98 2.87 -42.24
N GLU B 41 31.37 3.99 -41.86
CA GLU B 41 31.97 5.30 -42.04
C GLU B 41 33.37 5.39 -41.42
N PRO B 42 34.42 5.51 -42.26
CA PRO B 42 35.78 5.61 -41.71
C PRO B 42 35.80 6.94 -40.97
N LEU B 43 34.93 7.85 -41.44
CA LEU B 43 34.75 9.15 -40.82
C LEU B 43 33.24 9.28 -40.65
N LYS B 44 32.79 9.10 -39.40
CA LYS B 44 31.37 9.15 -39.09
C LYS B 44 30.77 10.49 -39.50
N THR B 45 29.53 10.45 -39.96
CA THR B 45 28.85 11.66 -40.36
C THR B 45 28.09 12.20 -39.14
N SER B 46 27.93 11.35 -38.13
CA SER B 46 27.26 11.74 -36.88
C SER B 46 27.82 10.91 -35.72
N VAL B 47 28.11 11.55 -34.60
CA VAL B 47 28.68 10.85 -33.46
C VAL B 47 27.73 10.36 -32.38
N ASP B 48 26.43 10.59 -32.53
CA ASP B 48 25.52 10.13 -31.51
C ASP B 48 25.18 8.66 -31.72
N LYS B 49 24.92 7.95 -30.63
CA LYS B 49 24.56 6.54 -30.72
C LYS B 49 23.45 6.42 -31.76
N PRO B 50 23.57 5.43 -32.66
CA PRO B 50 22.54 5.27 -33.68
C PRO B 50 21.22 4.95 -33.00
N GLY B 51 20.13 5.50 -33.52
CA GLY B 51 18.82 5.27 -32.93
C GLY B 51 18.62 3.83 -32.48
N SER B 52 18.04 3.68 -31.29
CA SER B 52 17.76 2.36 -30.73
C SER B 52 16.58 2.48 -29.77
N LYS B 53 16.02 1.33 -29.38
CA LYS B 53 14.87 1.34 -28.46
C LYS B 53 15.18 2.26 -27.28
N LYS B 54 16.36 2.10 -26.67
CA LYS B 54 16.75 2.92 -25.54
C LYS B 54 16.89 4.39 -25.91
N THR B 55 17.60 4.66 -27.00
CA THR B 55 17.81 6.03 -27.50
C THR B 55 16.53 6.82 -27.41
N GLN B 56 15.58 6.39 -28.24
CA GLN B 56 14.30 7.04 -28.40
C GLN B 56 13.18 6.71 -27.40
N GLY B 57 13.26 5.60 -26.70
CA GLY B 57 12.15 5.29 -25.80
C GLY B 57 12.41 5.35 -24.32
N GLU B 58 13.62 5.00 -23.94
CA GLU B 58 13.98 4.98 -22.54
C GLU B 58 14.61 6.26 -22.03
N LYS B 59 14.34 7.37 -22.70
CA LYS B 59 14.91 8.64 -22.26
C LYS B 59 13.84 9.50 -21.60
N PHE B 60 14.28 10.62 -21.02
CA PHE B 60 13.41 11.55 -20.32
C PHE B 60 12.62 12.53 -21.19
N PHE B 61 11.45 12.91 -20.70
CA PHE B 61 10.58 13.85 -21.37
C PHE B 61 9.81 14.66 -20.33
N LEU B 62 9.51 15.92 -20.64
CA LEU B 62 8.75 16.76 -19.72
C LEU B 62 7.26 16.50 -19.89
N ILE B 63 6.66 15.94 -18.85
CA ILE B 63 5.25 15.59 -18.84
C ILE B 63 4.27 16.75 -18.61
N HIS B 64 4.27 17.25 -17.38
CA HIS B 64 3.39 18.33 -17.00
C HIS B 64 4.20 19.34 -16.20
N SER B 65 3.63 20.53 -16.03
CA SER B 65 4.29 21.61 -15.28
C SER B 65 3.25 22.56 -14.70
N ALA B 66 3.27 22.76 -13.39
CA ALA B 66 2.29 23.66 -12.77
C ALA B 66 2.93 24.64 -11.80
N ARG B 67 2.07 25.34 -11.05
CA ARG B 67 2.52 26.32 -10.07
C ARG B 67 2.15 25.88 -8.67
N TRP B 68 2.94 26.30 -7.69
CA TRP B 68 2.69 26.02 -6.27
C TRP B 68 2.62 27.41 -5.62
N LEU B 69 1.47 27.70 -5.04
CA LEU B 69 1.26 29.00 -4.42
C LEU B 69 1.10 29.04 -2.94
N THR B 70 1.21 30.26 -2.45
CA THR B 70 1.06 30.57 -1.06
C THR B 70 -0.42 30.38 -0.75
N THR B 71 -1.25 30.42 -1.79
CA THR B 71 -2.68 30.26 -1.61
C THR B 71 -3.08 28.80 -1.46
N HIS B 72 -2.22 27.88 -1.91
CA HIS B 72 -2.49 26.44 -1.85
C HIS B 72 -2.47 25.88 -0.43
N ALA B 73 -3.63 25.44 0.06
CA ALA B 73 -3.75 24.90 1.42
C ALA B 73 -3.12 23.53 1.58
N LEU B 74 -2.89 23.15 2.84
CA LEU B 74 -2.29 21.86 3.13
C LEU B 74 -2.99 20.69 2.45
N PHE B 75 -2.19 19.80 1.87
CA PHE B 75 -2.70 18.63 1.15
C PHE B 75 -3.27 18.97 -0.20
N HIS B 76 -3.27 20.25 -0.56
CA HIS B 76 -3.81 20.60 -1.87
C HIS B 76 -3.08 19.81 -2.95
N GLU B 77 -3.84 19.20 -3.84
CA GLU B 77 -3.26 18.42 -4.92
C GLU B 77 -2.76 19.40 -5.97
N VAL B 78 -1.43 19.51 -6.09
CA VAL B 78 -0.85 20.43 -7.06
C VAL B 78 -0.78 19.78 -8.40
N ALA B 79 -0.93 18.46 -8.40
CA ALA B 79 -0.90 17.71 -9.64
C ALA B 79 -1.31 16.25 -9.47
N LYS B 80 -2.12 15.77 -10.41
CA LYS B 80 -2.62 14.39 -10.47
C LYS B 80 -2.38 14.03 -11.93
N LEU B 81 -1.46 13.09 -12.17
CA LEU B 81 -1.11 12.73 -13.54
C LEU B 81 -1.07 11.25 -13.90
N ASP B 82 -1.64 10.91 -15.07
CA ASP B 82 -1.60 9.53 -15.56
C ASP B 82 -0.30 9.43 -16.36
N VAL B 83 0.82 9.44 -15.63
CA VAL B 83 2.15 9.38 -16.21
C VAL B 83 2.20 8.72 -17.58
N VAL B 84 1.84 7.44 -17.60
CA VAL B 84 1.85 6.69 -18.84
C VAL B 84 1.07 7.41 -19.93
N LYS B 85 -0.24 7.55 -19.73
CA LYS B 85 -1.10 8.21 -20.70
C LYS B 85 -0.48 9.50 -21.24
N LEU B 86 0.16 10.26 -20.35
CA LEU B 86 0.78 11.52 -20.75
C LEU B 86 1.91 11.34 -21.75
N LEU B 87 2.76 10.34 -21.54
CA LEU B 87 3.85 10.07 -22.47
C LEU B 87 3.27 9.73 -23.83
N TYR B 88 2.23 8.90 -23.85
CA TYR B 88 1.59 8.54 -25.11
C TYR B 88 0.98 9.80 -25.68
N ASN B 89 1.70 10.43 -26.61
CA ASN B 89 1.27 11.67 -27.22
C ASN B 89 2.35 12.09 -28.21
N GLU B 90 1.93 12.53 -29.40
CA GLU B 90 2.89 12.96 -30.42
C GLU B 90 4.01 13.84 -29.88
N GLN B 91 3.69 14.74 -28.96
CA GLN B 91 4.67 15.64 -28.35
C GLN B 91 6.04 15.00 -28.03
N PHE B 92 6.07 13.70 -27.71
CA PHE B 92 7.32 13.05 -27.37
C PHE B 92 7.72 11.90 -28.30
N ALA B 93 9.02 11.76 -28.54
CA ALA B 93 9.53 10.72 -29.42
C ALA B 93 9.08 9.31 -29.08
N VAL B 94 9.14 8.95 -27.81
CA VAL B 94 8.74 7.61 -27.39
C VAL B 94 7.42 7.18 -28.04
N GLN B 95 6.57 8.15 -28.40
CA GLN B 95 5.29 7.88 -29.06
C GLN B 95 5.51 6.97 -30.26
N GLY B 96 6.45 7.37 -31.12
CA GLY B 96 6.75 6.61 -32.31
C GLY B 96 6.85 5.12 -32.08
N LEU B 97 7.16 4.72 -30.86
CA LEU B 97 7.27 3.30 -30.56
C LEU B 97 5.91 2.80 -30.09
N LEU B 98 5.32 3.54 -29.17
CA LEU B 98 4.02 3.17 -28.62
C LEU B 98 2.93 3.15 -29.67
N ARG B 99 2.84 4.23 -30.43
CA ARG B 99 1.84 4.40 -31.49
C ARG B 99 1.68 3.19 -32.41
N TYR B 100 2.68 2.32 -32.44
CA TYR B 100 2.62 1.16 -33.33
C TYR B 100 2.62 -0.21 -32.67
N HIS B 101 2.65 -0.25 -31.34
CA HIS B 101 2.60 -1.52 -30.64
C HIS B 101 1.31 -1.51 -29.82
N THR B 102 0.60 -2.63 -29.78
CA THR B 102 -0.65 -2.67 -29.05
C THR B 102 -0.47 -2.60 -27.54
N TYR B 103 0.37 -3.47 -26.99
CA TYR B 103 0.62 -3.50 -25.55
C TYR B 103 2.12 -3.36 -25.23
N ALA B 104 2.44 -3.16 -23.96
CA ALA B 104 3.84 -3.04 -23.52
C ALA B 104 3.95 -3.00 -21.99
N ARG B 105 5.01 -3.58 -21.45
CA ARG B 105 5.23 -3.56 -20.00
C ARG B 105 6.54 -2.83 -19.77
N PHE B 106 6.70 -2.25 -18.58
CA PHE B 106 7.88 -1.43 -18.32
C PHE B 106 7.98 -0.91 -16.90
N GLY B 107 9.07 -0.21 -16.65
CA GLY B 107 9.29 0.39 -15.35
C GLY B 107 9.35 1.86 -15.64
N ILE B 108 9.38 2.70 -14.62
CA ILE B 108 9.43 4.14 -14.82
C ILE B 108 10.41 4.83 -13.89
N GLU B 109 10.87 6.00 -14.31
CA GLU B 109 11.78 6.82 -13.51
C GLU B 109 11.18 8.20 -13.59
N ILE B 110 10.87 8.77 -12.43
CA ILE B 110 10.30 10.10 -12.39
C ILE B 110 11.24 11.05 -11.69
N GLN B 111 11.33 12.26 -12.24
CA GLN B 111 12.17 13.29 -11.64
C GLN B 111 11.26 14.51 -11.54
N VAL B 112 11.11 15.03 -10.32
CA VAL B 112 10.28 16.21 -10.10
C VAL B 112 11.20 17.28 -9.53
N GLN B 113 11.12 18.48 -10.10
CA GLN B 113 11.97 19.55 -9.61
C GLN B 113 11.27 20.89 -9.54
N ILE B 114 11.81 21.76 -8.69
CA ILE B 114 11.25 23.08 -8.48
C ILE B 114 12.35 24.06 -8.16
N ASN B 115 11.95 25.31 -7.98
CA ASN B 115 12.92 26.33 -7.67
C ASN B 115 12.40 27.40 -6.75
N PRO B 116 12.37 27.08 -5.46
CA PRO B 116 11.91 27.98 -4.40
C PRO B 116 13.10 28.83 -3.99
N THR B 117 12.88 30.11 -3.72
CA THR B 117 13.99 30.96 -3.29
C THR B 117 14.14 30.72 -1.79
N PRO B 118 15.38 30.62 -1.31
CA PRO B 118 15.63 30.39 0.13
C PRO B 118 14.80 31.24 1.07
N PHE B 119 14.14 32.27 0.54
CA PHE B 119 13.30 33.14 1.35
C PHE B 119 11.88 32.61 1.48
N GLN B 120 11.66 31.47 0.82
CA GLN B 120 10.38 30.77 0.83
C GLN B 120 10.56 29.60 1.77
N GLN B 121 9.45 29.04 2.24
CA GLN B 121 9.57 27.89 3.13
C GLN B 121 8.34 27.03 2.97
N GLY B 122 8.51 25.76 3.26
CA GLY B 122 7.42 24.82 3.14
C GLY B 122 7.90 23.61 2.39
N GLY B 123 6.96 22.78 1.94
CA GLY B 123 7.35 21.59 1.21
C GLY B 123 6.21 20.84 0.58
N LEU B 124 6.58 19.89 -0.27
CA LEU B 124 5.61 19.06 -0.99
C LEU B 124 6.04 17.61 -0.88
N ILE B 125 5.16 16.73 -1.35
CA ILE B 125 5.43 15.30 -1.36
C ILE B 125 4.99 14.79 -2.73
N CYS B 126 5.78 13.89 -3.30
CA CYS B 126 5.45 13.36 -4.61
C CYS B 126 5.38 11.85 -4.49
N ALA B 127 4.25 11.28 -4.89
CA ALA B 127 4.06 9.83 -4.79
C ALA B 127 3.62 9.15 -6.08
N MET B 128 4.19 7.97 -6.28
CA MET B 128 3.86 7.16 -7.44
C MET B 128 2.86 6.16 -6.92
N VAL B 129 1.60 6.38 -7.24
CA VAL B 129 0.55 5.48 -6.79
C VAL B 129 -0.01 4.69 -7.96
N PRO B 130 -0.06 3.36 -7.82
CA PRO B 130 -0.58 2.51 -8.88
C PRO B 130 -2.10 2.55 -8.92
N GLY B 131 -2.64 2.67 -10.14
CA GLY B 131 -4.08 2.71 -10.34
C GLY B 131 -4.83 3.97 -9.93
N ASP B 132 -5.10 4.10 -8.64
CA ASP B 132 -5.81 5.26 -8.17
C ASP B 132 -5.49 5.45 -6.70
N GLN B 133 -5.65 6.67 -6.22
CA GLN B 133 -5.36 6.95 -4.82
C GLN B 133 -6.41 6.29 -3.93
N SER B 134 -7.54 5.93 -4.55
CA SER B 134 -8.63 5.32 -3.81
C SER B 134 -8.90 6.19 -2.58
N TYR B 135 -9.02 5.56 -1.42
CA TYR B 135 -9.29 6.32 -0.21
C TYR B 135 -8.13 6.23 0.78
N GLY B 136 -6.92 6.05 0.24
CA GLY B 136 -5.75 5.97 1.08
C GLY B 136 -5.52 7.22 1.90
N SER B 137 -4.98 7.05 3.10
CA SER B 137 -4.71 8.17 3.97
C SER B 137 -3.63 9.08 3.41
N ILE B 138 -4.03 10.29 3.06
CA ILE B 138 -3.11 11.29 2.53
C ILE B 138 -1.82 11.33 3.35
N ALA B 139 -1.98 11.23 4.68
CA ALA B 139 -0.85 11.29 5.59
C ALA B 139 0.09 10.10 5.49
N SER B 140 -0.32 9.06 4.78
CA SER B 140 0.53 7.89 4.65
C SER B 140 1.12 7.73 3.26
N LEU B 141 1.06 8.80 2.48
CA LEU B 141 1.60 8.77 1.14
C LEU B 141 3.05 8.30 1.10
N THR B 142 3.80 8.57 2.17
CA THR B 142 5.20 8.16 2.25
C THR B 142 5.38 6.68 1.95
N VAL B 143 4.34 5.89 2.17
CA VAL B 143 4.41 4.46 1.91
C VAL B 143 4.72 4.18 0.43
N TYR B 144 4.06 4.88 -0.47
CA TYR B 144 4.29 4.70 -1.91
C TYR B 144 5.70 5.19 -2.24
N PRO B 145 6.26 4.73 -3.37
CA PRO B 145 7.61 5.17 -3.76
C PRO B 145 7.47 6.68 -3.83
N HIS B 146 8.14 7.39 -2.93
CA HIS B 146 7.99 8.84 -2.89
C HIS B 146 9.26 9.65 -2.83
N GLY B 147 9.06 10.97 -2.90
CA GLY B 147 10.16 11.91 -2.82
C GLY B 147 9.64 13.10 -2.06
N LEU B 148 10.38 13.54 -1.06
CA LEU B 148 9.94 14.68 -0.26
C LEU B 148 10.73 15.92 -0.61
N LEU B 149 10.02 17.04 -0.69
CA LEU B 149 10.65 18.30 -1.03
C LEU B 149 10.53 19.29 0.11
N ASN B 150 11.64 19.89 0.49
CA ASN B 150 11.67 20.90 1.56
C ASN B 150 12.52 22.06 1.06
N CYS B 151 11.93 23.25 1.04
CA CYS B 151 12.63 24.45 0.57
C CYS B 151 14.02 24.58 1.17
N ASN B 152 14.10 24.68 2.49
CA ASN B 152 15.36 24.81 3.16
C ASN B 152 16.38 23.73 2.81
N ILE B 153 15.92 22.65 2.16
CA ILE B 153 16.81 21.53 1.83
C ILE B 153 17.12 21.14 0.38
N ASN B 154 16.18 20.46 -0.26
CA ASN B 154 16.36 19.99 -1.63
C ASN B 154 15.35 20.64 -2.56
N ASN B 155 15.65 20.69 -3.86
CA ASN B 155 14.70 21.27 -4.82
C ASN B 155 14.37 20.24 -5.89
N VAL B 156 14.79 19.00 -5.65
CA VAL B 156 14.57 17.90 -6.57
C VAL B 156 14.37 16.55 -5.86
N VAL B 157 13.72 15.62 -6.56
CA VAL B 157 13.48 14.28 -6.04
C VAL B 157 13.39 13.33 -7.22
N ARG B 158 13.82 12.08 -7.02
CA ARG B 158 13.77 11.10 -8.10
C ARG B 158 13.27 9.75 -7.59
N ILE B 159 12.31 9.20 -8.31
CA ILE B 159 11.71 7.92 -7.96
C ILE B 159 11.82 6.97 -9.15
N LYS B 160 12.15 5.71 -8.85
CA LYS B 160 12.28 4.71 -9.90
C LYS B 160 11.54 3.44 -9.53
N VAL B 161 10.65 3.00 -10.42
CA VAL B 161 9.86 1.81 -10.17
C VAL B 161 9.80 0.88 -11.38
N PRO B 162 9.39 -0.37 -11.14
CA PRO B 162 9.24 -1.41 -12.17
C PRO B 162 7.77 -1.51 -12.56
N PHE B 163 7.46 -2.48 -13.40
CA PHE B 163 6.09 -2.66 -13.83
C PHE B 163 5.25 -3.24 -12.69
N ILE B 164 4.18 -2.54 -12.37
CA ILE B 164 3.24 -2.93 -11.31
C ILE B 164 1.84 -2.77 -11.87
N TYR B 165 1.17 -3.90 -12.09
CA TYR B 165 -0.15 -3.83 -12.69
C TYR B 165 -0.88 -5.13 -12.43
N THR B 166 -2.17 -5.17 -12.79
CA THR B 166 -2.95 -6.38 -12.60
C THR B 166 -2.85 -7.22 -13.86
N ARG B 167 -2.56 -6.55 -14.96
CA ARG B 167 -2.42 -7.20 -16.25
C ARG B 167 -0.93 -7.32 -16.61
N GLY B 168 -0.63 -8.20 -17.57
CA GLY B 168 0.76 -8.41 -17.97
C GLY B 168 1.34 -7.32 -18.84
N ALA B 169 0.57 -6.28 -19.08
CA ALA B 169 1.01 -5.14 -19.87
C ALA B 169 -0.09 -4.11 -19.99
N TYR B 170 0.31 -2.91 -20.41
CA TYR B 170 -0.61 -1.79 -20.58
C TYR B 170 -1.04 -1.74 -22.02
N HIS B 171 -2.31 -1.40 -22.26
CA HIS B 171 -2.83 -1.30 -23.62
C HIS B 171 -3.00 0.18 -23.91
N PHE B 172 -2.17 0.71 -24.79
CA PHE B 172 -2.20 2.13 -25.11
C PHE B 172 -3.43 2.62 -25.83
N LYS B 173 -3.61 2.18 -27.06
CA LYS B 173 -4.76 2.60 -27.86
C LYS B 173 -6.05 2.76 -27.04
N ASP B 174 -6.30 1.83 -26.13
CA ASP B 174 -7.52 1.83 -25.31
C ASP B 174 -7.26 1.12 -23.98
N PRO B 175 -6.72 1.87 -22.99
CA PRO B 175 -6.36 1.42 -21.64
C PRO B 175 -7.53 0.99 -20.78
N GLN B 176 -7.21 0.28 -19.70
CA GLN B 176 -8.21 -0.19 -18.77
C GLN B 176 -8.23 0.82 -17.63
N TYR B 177 -7.10 0.94 -16.96
CA TYR B 177 -6.94 1.89 -15.88
C TYR B 177 -5.49 2.28 -15.89
N PRO B 178 -5.20 3.56 -15.62
CA PRO B 178 -3.81 4.04 -15.61
C PRO B 178 -2.87 3.20 -14.75
N VAL B 179 -1.66 2.96 -15.24
CA VAL B 179 -0.70 2.16 -14.48
C VAL B 179 -0.27 2.93 -13.26
N TRP B 180 0.11 4.18 -13.49
CA TRP B 180 0.57 5.07 -12.44
C TRP B 180 -0.14 6.41 -12.43
N GLU B 181 -0.49 6.87 -11.23
CA GLU B 181 -1.13 8.18 -11.01
C GLU B 181 -0.17 8.90 -10.06
N LEU B 182 0.68 9.75 -10.62
CA LEU B 182 1.63 10.48 -9.80
C LEU B 182 0.89 11.60 -9.14
N THR B 183 0.97 11.66 -7.82
CA THR B 183 0.31 12.71 -7.08
C THR B 183 1.32 13.61 -6.39
N ILE B 184 1.04 14.91 -6.42
CA ILE B 184 1.90 15.90 -5.79
C ILE B 184 1.03 16.82 -4.96
N ARG B 185 1.19 16.76 -3.64
CA ARG B 185 0.41 17.58 -2.72
C ARG B 185 1.29 18.42 -1.81
N VAL B 186 0.67 19.46 -1.23
CA VAL B 186 1.36 20.36 -0.32
C VAL B 186 1.59 19.62 0.99
N TRP B 187 2.86 19.43 1.36
CA TRP B 187 3.17 18.71 2.59
C TRP B 187 3.27 19.68 3.77
N SER B 188 3.53 20.95 3.48
CA SER B 188 3.59 21.96 4.53
C SER B 188 3.46 23.30 3.86
N GLU B 189 2.32 23.94 4.10
CA GLU B 189 1.98 25.23 3.51
C GLU B 189 3.19 26.09 3.21
N LEU B 190 3.22 26.62 2.00
CA LEU B 190 4.29 27.46 1.49
C LEU B 190 4.13 28.93 1.88
N ASN B 191 4.64 29.34 3.04
CA ASN B 191 4.52 30.73 3.46
C ASN B 191 5.78 31.50 3.11
N ILE B 192 5.72 32.83 3.24
CA ILE B 192 6.86 33.69 2.95
C ILE B 192 6.76 35.02 3.67
N GLY B 193 7.82 35.83 3.53
CA GLY B 193 7.84 37.14 4.14
C GLY B 193 7.31 38.15 3.13
N THR B 194 6.82 39.30 3.60
CA THR B 194 6.27 40.32 2.70
C THR B 194 7.27 40.83 1.66
N GLY B 195 7.03 40.51 0.39
CA GLY B 195 7.91 40.96 -0.67
C GLY B 195 8.44 39.86 -1.56
N THR B 196 8.61 38.68 -0.98
CA THR B 196 9.12 37.52 -1.72
C THR B 196 8.11 37.06 -2.76
N SER B 197 8.59 36.34 -3.77
CA SER B 197 7.72 35.81 -4.82
C SER B 197 6.77 34.83 -4.15
N ALA B 198 5.47 34.96 -4.40
CA ALA B 198 4.49 34.09 -3.76
C ALA B 198 4.17 32.82 -4.52
N TYR B 199 5.19 32.22 -5.12
CA TYR B 199 4.97 31.01 -5.90
C TYR B 199 6.30 30.44 -6.36
N THR B 200 6.22 29.29 -7.00
CA THR B 200 7.37 28.61 -7.56
C THR B 200 6.78 27.64 -8.56
N SER B 201 7.28 27.69 -9.79
CA SER B 201 6.76 26.80 -10.79
C SER B 201 7.36 25.43 -10.51
N LEU B 202 6.81 24.39 -11.14
CA LEU B 202 7.28 23.03 -10.94
C LEU B 202 7.12 22.18 -12.20
N ASN B 203 8.10 21.32 -12.46
CA ASN B 203 8.06 20.43 -13.61
C ASN B 203 8.16 18.96 -13.24
N VAL B 204 7.78 18.10 -14.17
CA VAL B 204 7.83 16.66 -13.97
C VAL B 204 8.44 15.94 -15.17
N LEU B 205 9.47 15.16 -14.90
CA LEU B 205 10.16 14.41 -15.95
C LEU B 205 9.88 12.93 -15.80
N ALA B 206 9.73 12.26 -16.94
CA ALA B 206 9.46 10.83 -16.92
C ALA B 206 10.11 10.14 -18.09
N ARG B 207 10.38 8.85 -17.90
CA ARG B 207 10.98 8.02 -18.93
C ARG B 207 10.69 6.57 -18.59
N PHE B 208 10.64 5.75 -19.63
CA PHE B 208 10.40 4.33 -19.43
C PHE B 208 11.73 3.68 -19.13
N THR B 209 11.68 2.47 -18.55
CA THR B 209 12.88 1.70 -18.25
C THR B 209 12.56 0.25 -18.59
N ASP B 210 13.50 -0.44 -19.21
CA ASP B 210 13.28 -1.84 -19.59
C ASP B 210 11.97 -1.89 -20.38
N LEU B 211 11.95 -1.17 -21.49
CA LEU B 211 10.76 -1.10 -22.32
C LEU B 211 10.49 -2.29 -23.22
N GLU B 212 9.50 -3.07 -22.85
CA GLU B 212 9.13 -4.25 -23.60
C GLU B 212 7.85 -4.00 -24.41
N LEU B 213 8.02 -3.81 -25.72
CA LEU B 213 6.88 -3.55 -26.59
C LEU B 213 6.36 -4.85 -27.19
N HIS B 214 5.06 -4.89 -27.50
CA HIS B 214 4.47 -6.11 -28.07
C HIS B 214 3.30 -5.93 -29.05
N GLY B 215 3.34 -6.69 -30.15
CA GLY B 215 2.29 -6.66 -31.16
C GLY B 215 2.11 -5.42 -32.02
N LEU B 216 2.84 -5.34 -33.12
CA LEU B 216 2.74 -4.20 -34.04
C LEU B 216 1.29 -4.08 -34.51
N THR B 217 0.77 -2.85 -34.53
CA THR B 217 -0.62 -2.60 -34.94
C THR B 217 -0.76 -1.26 -35.69
N PRO B 218 -1.65 -1.20 -36.68
CA PRO B 218 -1.94 -0.02 -37.52
C PRO B 218 -2.93 0.98 -36.91
N LEU B 219 -3.61 0.54 -35.87
CA LEU B 219 -4.60 1.37 -35.18
C LEU B 219 -4.01 2.68 -34.65
N SER B 220 -4.88 3.51 -34.09
CA SER B 220 -4.47 4.79 -33.54
C SER B 220 -5.35 5.07 -32.31
N THR B 221 -6.54 4.45 -32.33
CA THR B 221 -7.55 4.53 -31.26
C THR B 221 -8.50 3.34 -31.41
N MET C 1 -11.18 -59.18 8.95
CA MET C 1 -12.35 -58.64 9.71
C MET C 1 -12.16 -57.16 10.04
N MET C 2 -12.57 -56.29 9.13
CA MET C 2 -12.44 -54.84 9.31
C MET C 2 -12.75 -54.41 10.74
N ARG C 3 -11.75 -53.87 11.41
CA ARG C 3 -11.92 -53.43 12.79
C ARG C 3 -11.13 -52.17 13.15
N ASN C 4 -11.62 -51.03 12.67
CA ASN C 4 -10.98 -49.74 12.97
C ASN C 4 -12.02 -48.90 13.63
N GLU C 5 -12.05 -48.89 14.96
CA GLU C 5 -13.04 -48.06 15.62
C GLU C 5 -12.37 -46.85 16.25
N THR C 6 -13.08 -45.74 16.24
CA THR C 6 -12.60 -44.50 16.84
C THR C 6 -13.81 -43.95 17.60
N ARG C 7 -13.56 -43.16 18.65
CA ARG C 7 -14.65 -42.59 19.43
C ARG C 7 -14.90 -41.18 18.98
N VAL C 8 -16.17 -40.78 18.90
CA VAL C 8 -16.43 -39.41 18.48
C VAL C 8 -16.18 -38.49 19.66
N SER C 9 -15.13 -37.68 19.54
CA SER C 9 -14.78 -36.76 20.60
C SER C 9 -15.72 -35.57 20.68
N THR C 10 -15.49 -34.74 21.69
CA THR C 10 -16.29 -33.55 21.92
C THR C 10 -16.25 -32.63 20.71
N THR C 11 -16.86 -31.45 20.86
CA THR C 11 -16.86 -30.47 19.79
C THR C 11 -17.09 -31.09 18.41
N GLU C 12 -18.18 -31.83 18.26
CA GLU C 12 -18.49 -32.47 16.98
C GLU C 12 -18.86 -31.37 15.98
N ASN C 13 -18.33 -31.49 14.76
CA ASN C 13 -18.63 -30.54 13.68
C ASN C 13 -18.55 -29.08 14.10
N VAL C 14 -17.73 -28.77 15.09
CA VAL C 14 -17.60 -27.40 15.54
C VAL C 14 -16.65 -26.65 14.60
N VAL C 15 -16.88 -25.36 14.45
CA VAL C 15 -16.02 -24.55 13.58
C VAL C 15 -15.27 -23.52 14.37
N ASN C 16 -14.00 -23.35 14.03
CA ASN C 16 -13.15 -22.40 14.72
C ASN C 16 -12.31 -21.66 13.71
N LEU C 17 -12.37 -20.33 13.72
CA LEU C 17 -11.59 -19.55 12.76
C LEU C 17 -10.51 -18.70 13.43
N SER C 18 -10.21 -19.04 14.68
CA SER C 18 -9.21 -18.32 15.46
C SER C 18 -7.81 -18.36 14.89
N ASN C 19 -7.45 -19.49 14.29
CA ASN C 19 -6.12 -19.66 13.71
C ASN C 19 -6.26 -20.40 12.38
N TYR C 20 -5.15 -20.58 11.67
CA TYR C 20 -5.21 -21.27 10.38
C TYR C 20 -5.41 -22.78 10.49
N GLU C 21 -4.80 -23.39 11.50
CA GLU C 21 -4.90 -24.84 11.70
C GLU C 21 -6.32 -25.37 11.61
N ASP C 22 -7.29 -24.55 12.00
CA ASP C 22 -8.68 -24.96 11.94
C ASP C 22 -9.46 -24.19 10.88
N ALA C 23 -8.91 -23.05 10.46
CA ALA C 23 -9.57 -22.21 9.46
C ALA C 23 -9.37 -22.67 8.02
N ARG C 24 -8.23 -23.30 7.78
CA ARG C 24 -7.89 -23.78 6.45
C ARG C 24 -8.96 -24.73 5.93
N ALA C 25 -9.17 -24.71 4.62
CA ALA C 25 -10.17 -25.57 4.00
C ALA C 25 -9.86 -27.06 4.22
N LYS C 26 -10.89 -27.88 4.08
CA LYS C 26 -10.78 -29.32 4.24
C LYS C 26 -10.97 -30.04 2.91
N MET C 27 -11.13 -29.25 1.85
CA MET C 27 -11.29 -29.76 0.49
C MET C 27 -11.16 -28.59 -0.46
N SER C 28 -11.04 -28.85 -1.76
CA SER C 28 -10.88 -27.73 -2.67
C SER C 28 -11.71 -27.79 -3.94
N PHE C 29 -11.99 -26.60 -4.46
CA PHE C 29 -12.75 -26.44 -5.70
C PHE C 29 -11.84 -26.63 -6.91
N ALA C 30 -10.55 -26.37 -6.70
CA ALA C 30 -9.56 -26.49 -7.77
C ALA C 30 -9.55 -27.87 -8.38
N LEU C 31 -9.45 -27.93 -9.70
CA LEU C 31 -9.42 -29.21 -10.38
C LEU C 31 -8.18 -29.97 -9.91
N ASP C 32 -8.30 -31.29 -9.84
CA ASP C 32 -7.21 -32.15 -9.40
C ASP C 32 -6.49 -31.67 -8.14
N GLN C 33 -7.14 -30.80 -7.37
CA GLN C 33 -6.58 -30.33 -6.10
C GLN C 33 -5.20 -29.70 -6.29
N GLU C 34 -4.98 -29.11 -7.45
CA GLU C 34 -3.68 -28.51 -7.75
C GLU C 34 -3.34 -27.35 -6.84
N ASP C 35 -2.20 -26.74 -7.12
CA ASP C 35 -1.70 -25.61 -6.36
C ASP C 35 -1.11 -24.58 -7.30
N TRP C 36 -0.53 -23.52 -6.75
CA TRP C 36 0.07 -22.48 -7.56
C TRP C 36 1.50 -22.12 -7.13
N LYS C 37 2.35 -21.83 -8.12
CA LYS C 37 3.73 -21.44 -7.85
C LYS C 37 3.70 -19.96 -7.53
N SER C 38 4.86 -19.35 -7.42
CA SER C 38 4.92 -17.92 -7.15
C SER C 38 4.96 -17.22 -8.51
N ASP C 39 4.86 -15.89 -8.51
CA ASP C 39 4.91 -15.11 -9.74
C ASP C 39 4.88 -13.63 -9.47
N PRO C 40 6.07 -13.00 -9.47
CA PRO C 40 6.25 -11.56 -9.24
C PRO C 40 6.26 -10.75 -10.54
N SER C 41 5.91 -11.41 -11.63
CA SER C 41 5.87 -10.78 -12.95
C SER C 41 5.59 -9.30 -12.89
N GLN C 42 4.34 -8.97 -12.61
CA GLN C 42 3.90 -7.60 -12.57
C GLN C 42 3.92 -7.01 -11.16
N GLY C 43 4.62 -7.69 -10.27
CA GLY C 43 4.72 -7.24 -8.89
C GLY C 43 6.11 -6.68 -8.58
N GLY C 44 6.89 -6.43 -9.61
CA GLY C 44 8.23 -5.89 -9.42
C GLY C 44 9.09 -6.50 -8.33
N GLY C 45 8.83 -7.75 -7.98
CA GLY C 45 9.61 -8.41 -6.95
C GLY C 45 9.34 -7.95 -5.53
N ILE C 46 8.48 -6.95 -5.37
CA ILE C 46 8.15 -6.45 -4.05
C ILE C 46 7.13 -7.36 -3.38
N LYS C 47 7.58 -8.51 -2.89
CA LYS C 47 6.67 -9.44 -2.23
C LYS C 47 6.55 -9.11 -0.75
N ILE C 48 5.32 -8.94 -0.27
CA ILE C 48 5.08 -8.60 1.13
C ILE C 48 4.60 -9.80 1.93
N THR C 49 4.97 -9.84 3.21
CA THR C 49 4.59 -10.94 4.11
C THR C 49 4.56 -10.58 5.60
N HIS C 50 5.00 -9.38 5.95
CA HIS C 50 5.04 -8.98 7.35
C HIS C 50 4.58 -7.53 7.54
N PHE C 51 3.70 -7.30 8.49
CA PHE C 51 3.20 -5.95 8.73
C PHE C 51 4.28 -4.93 9.11
N THR C 52 5.45 -5.44 9.48
CA THR C 52 6.58 -4.58 9.83
C THR C 52 6.73 -3.61 8.69
N THR C 53 6.55 -4.17 7.50
CA THR C 53 6.62 -3.46 6.24
C THR C 53 6.08 -2.05 6.39
N TRP C 54 4.93 -1.91 7.01
CA TRP C 54 4.35 -0.60 7.22
C TRP C 54 4.86 0.09 8.49
N THR C 55 4.71 -0.57 9.63
CA THR C 55 5.14 -0.03 10.93
C THR C 55 6.53 0.59 11.01
N SER C 56 7.34 0.44 9.98
CA SER C 56 8.68 1.02 10.02
C SER C 56 8.84 2.13 8.98
N ILE C 57 7.71 2.55 8.41
CA ILE C 57 7.72 3.61 7.41
C ILE C 57 7.17 4.87 8.02
N PRO C 58 8.05 5.81 8.36
CA PRO C 58 7.57 7.06 8.95
C PRO C 58 6.39 7.65 8.16
N THR C 59 5.23 7.75 8.80
CA THR C 59 4.05 8.35 8.19
C THR C 59 3.72 9.62 8.96
N LEU C 60 2.97 10.52 8.34
CA LEU C 60 2.66 11.79 8.98
C LEU C 60 1.54 11.73 10.00
N ALA C 61 1.88 11.96 11.26
CA ALA C 61 0.89 11.90 12.31
C ALA C 61 0.39 13.25 12.78
N ALA C 62 1.22 14.29 12.66
CA ALA C 62 0.77 15.61 13.11
C ALA C 62 1.63 16.80 12.71
N GLN C 63 0.97 17.94 12.50
CA GLN C 63 1.63 19.18 12.13
C GLN C 63 1.34 20.25 13.17
N PHE C 64 2.39 20.96 13.58
CA PHE C 64 2.24 22.01 14.57
C PHE C 64 3.11 23.20 14.18
N PRO C 65 2.68 24.42 14.53
CA PRO C 65 3.44 25.61 14.19
C PRO C 65 4.28 26.17 15.33
N PHE C 66 5.43 26.75 14.98
CA PHE C 66 6.33 27.37 15.94
C PHE C 66 6.38 28.86 15.60
N ASN C 67 5.69 29.66 16.41
CA ASN C 67 5.60 31.11 16.20
C ASN C 67 6.60 31.93 17.03
N ALA C 68 6.97 33.09 16.51
CA ALA C 68 7.92 33.95 17.21
C ALA C 68 7.26 34.41 18.49
N SER C 69 5.95 34.61 18.41
CA SER C 69 5.14 35.05 19.54
C SER C 69 5.22 34.05 20.70
N ASP C 70 5.70 32.85 20.41
CA ASP C 70 5.81 31.84 21.46
C ASP C 70 7.03 32.19 22.29
N SER C 71 6.83 32.38 23.58
CA SER C 71 7.91 32.73 24.49
C SER C 71 8.65 31.50 25.02
N VAL C 72 9.80 31.74 25.63
CA VAL C 72 10.61 30.66 26.16
C VAL C 72 9.91 29.81 27.20
N GLY C 73 9.94 28.50 27.00
CA GLY C 73 9.31 27.60 27.94
C GLY C 73 7.82 27.40 27.73
N GLN C 74 7.28 27.93 26.65
CA GLN C 74 5.86 27.78 26.37
C GLN C 74 5.61 26.42 25.75
N GLN C 75 4.64 25.69 26.26
CA GLN C 75 4.32 24.38 25.69
C GLN C 75 3.70 24.60 24.31
N ILE C 76 4.28 24.01 23.28
CA ILE C 76 3.79 24.18 21.91
C ILE C 76 2.85 23.08 21.41
N LYS C 77 3.10 21.83 21.79
CA LYS C 77 2.24 20.72 21.39
C LYS C 77 2.46 19.54 22.34
N VAL C 78 1.37 18.85 22.67
CA VAL C 78 1.48 17.70 23.57
C VAL C 78 0.87 16.46 22.91
N ILE C 79 1.64 15.38 22.92
CA ILE C 79 1.22 14.13 22.29
C ILE C 79 1.37 12.92 23.17
N PRO C 80 0.37 12.04 23.15
CA PRO C 80 0.37 10.80 23.94
C PRO C 80 1.31 9.85 23.20
N VAL C 81 2.00 8.98 23.93
CA VAL C 81 2.92 8.07 23.27
C VAL C 81 2.39 6.65 23.09
N ASP C 82 1.75 6.42 21.94
CA ASP C 82 1.19 5.12 21.56
C ASP C 82 0.91 5.11 20.04
N PRO C 83 1.29 4.04 19.36
CA PRO C 83 1.11 3.87 17.90
C PRO C 83 -0.21 4.37 17.35
N TYR C 84 -1.25 4.20 18.16
CA TYR C 84 -2.61 4.60 17.80
C TYR C 84 -2.82 6.10 17.55
N PHE C 85 -1.81 6.90 17.87
CA PHE C 85 -1.96 8.34 17.68
C PHE C 85 -1.80 8.82 16.26
N PHE C 86 -2.57 9.84 15.95
CA PHE C 86 -2.56 10.54 14.66
C PHE C 86 -3.69 11.56 14.69
N GLN C 87 -3.45 12.73 14.14
CA GLN C 87 -4.45 13.80 14.16
C GLN C 87 -4.67 14.47 12.79
N MET C 88 -3.88 14.06 11.79
CA MET C 88 -4.01 14.67 10.47
C MET C 88 -5.37 14.46 9.82
N THR C 89 -5.82 15.45 9.06
CA THR C 89 -7.13 15.34 8.44
C THR C 89 -7.44 16.35 7.34
N ASN C 90 -8.08 15.87 6.27
CA ASN C 90 -8.45 16.73 5.14
C ASN C 90 -9.96 16.86 5.02
N THR C 91 -10.40 18.11 4.84
CA THR C 91 -11.81 18.48 4.73
C THR C 91 -12.58 17.83 3.58
N ASN C 92 -12.15 18.03 2.34
CA ASN C 92 -12.86 17.44 1.21
C ASN C 92 -12.00 17.11 -0.01
N PRO C 93 -11.91 15.82 -0.40
CA PRO C 93 -12.52 14.61 0.16
C PRO C 93 -12.46 14.48 1.69
N ASP C 94 -13.62 14.30 2.32
CA ASP C 94 -13.69 14.18 3.78
C ASP C 94 -13.00 12.94 4.31
N GLN C 95 -11.86 13.08 4.98
CA GLN C 95 -11.21 11.89 5.53
C GLN C 95 -10.32 12.12 6.74
N LYS C 96 -10.22 11.08 7.57
CA LYS C 96 -9.42 11.06 8.80
C LYS C 96 -8.13 10.26 8.49
N CYS C 97 -7.06 11.00 8.21
CA CYS C 97 -5.76 10.44 7.81
C CYS C 97 -4.92 9.69 8.82
N ILE C 98 -5.24 8.41 8.99
CA ILE C 98 -4.51 7.55 9.92
C ILE C 98 -3.11 7.30 9.37
N THR C 99 -2.18 6.95 10.25
CA THR C 99 -0.80 6.68 9.84
C THR C 99 -0.65 5.20 9.58
N ALA C 100 0.45 4.84 8.94
CA ALA C 100 0.70 3.44 8.68
C ALA C 100 0.79 2.78 10.05
N LEU C 101 1.75 3.25 10.84
CA LEU C 101 1.97 2.71 12.18
C LEU C 101 0.67 2.41 12.85
N ALA C 102 -0.20 3.42 12.88
CA ALA C 102 -1.50 3.28 13.49
C ALA C 102 -2.37 2.22 12.82
N SER C 103 -2.64 2.37 11.53
CA SER C 103 -3.49 1.42 10.82
C SER C 103 -3.19 -0.05 11.11
N ILE C 104 -1.95 -0.35 11.45
CA ILE C 104 -1.58 -1.73 11.76
C ILE C 104 -1.94 -2.05 13.21
N CYS C 105 -1.27 -1.37 14.14
CA CYS C 105 -1.48 -1.59 15.56
C CYS C 105 -2.93 -1.51 16.00
N GLN C 106 -3.74 -0.79 15.24
CA GLN C 106 -5.15 -0.65 15.60
C GLN C 106 -5.83 -2.02 15.62
N MET C 107 -5.23 -2.99 14.93
CA MET C 107 -5.80 -4.33 14.85
C MET C 107 -5.20 -5.31 15.85
N PHE C 108 -4.67 -4.77 16.94
CA PHE C 108 -4.08 -5.60 17.99
C PHE C 108 -4.48 -5.10 19.36
N CYS C 109 -4.52 -6.02 20.32
CA CYS C 109 -4.91 -5.68 21.68
C CYS C 109 -3.72 -5.16 22.44
N PHE C 110 -2.56 -5.69 22.11
CA PHE C 110 -1.37 -5.31 22.81
C PHE C 110 -0.23 -4.86 21.91
N TRP C 111 0.70 -4.09 22.48
CA TRP C 111 1.86 -3.60 21.76
C TRP C 111 2.97 -3.20 22.70
N ARG C 112 4.20 -3.22 22.21
CA ARG C 112 5.37 -2.85 22.99
C ARG C 112 6.52 -2.53 22.04
N GLY C 113 7.41 -1.65 22.47
CA GLY C 113 8.54 -1.30 21.63
C GLY C 113 8.92 0.17 21.61
N ASP C 114 9.86 0.51 20.75
CA ASP C 114 10.31 1.88 20.64
C ASP C 114 9.59 2.67 19.54
N LEU C 115 8.68 3.55 19.97
CA LEU C 115 7.97 4.38 19.01
C LEU C 115 8.97 5.41 18.53
N VAL C 116 8.87 5.81 17.26
CA VAL C 116 9.81 6.79 16.74
C VAL C 116 9.19 8.03 16.12
N PHE C 117 9.39 9.15 16.80
CA PHE C 117 8.87 10.44 16.38
C PHE C 117 9.91 11.18 15.56
N ASP C 118 9.58 11.49 14.32
CA ASP C 118 10.50 12.22 13.45
C ASP C 118 9.96 13.63 13.24
N PHE C 119 10.79 14.62 13.59
CA PHE C 119 10.42 16.01 13.46
C PHE C 119 11.12 16.69 12.30
N GLN C 120 10.31 17.07 11.31
CA GLN C 120 10.81 17.72 10.11
C GLN C 120 10.45 19.20 10.10
N VAL C 121 11.47 20.05 10.07
CA VAL C 121 11.26 21.49 10.08
C VAL C 121 11.21 22.06 8.68
N PHE C 122 10.37 23.07 8.49
CA PHE C 122 10.23 23.73 7.21
C PHE C 122 10.52 25.20 7.37
N PRO C 123 11.79 25.54 7.61
CA PRO C 123 12.20 26.92 7.79
C PRO C 123 12.88 27.46 6.54
N THR C 124 13.64 28.54 6.75
CA THR C 124 14.39 29.17 5.68
C THR C 124 15.76 29.40 6.30
N LYS C 125 16.80 29.28 5.48
CA LYS C 125 18.16 29.47 5.95
C LYS C 125 18.33 30.79 6.72
N TYR C 126 17.25 31.48 7.04
CA TYR C 126 17.35 32.76 7.73
C TYR C 126 16.67 32.82 9.10
N HIS C 127 16.05 31.73 9.51
CA HIS C 127 15.43 31.68 10.83
C HIS C 127 16.47 31.12 11.78
N SER C 128 16.15 31.07 13.06
CA SER C 128 17.06 30.52 14.05
C SER C 128 16.24 30.22 15.28
N GLY C 129 16.42 29.01 15.83
CA GLY C 129 15.67 28.65 17.00
C GLY C 129 15.96 27.25 17.46
N ARG C 130 15.47 26.93 18.65
CA ARG C 130 15.65 25.61 19.23
C ARG C 130 14.36 25.17 19.90
N LEU C 131 14.05 23.89 19.75
CA LEU C 131 12.86 23.32 20.37
C LEU C 131 13.31 22.14 21.20
N LEU C 132 12.68 21.98 22.37
CA LEU C 132 13.03 20.89 23.25
C LEU C 132 11.92 19.86 23.29
N PHE C 133 12.25 18.64 22.88
CA PHE C 133 11.30 17.54 22.86
C PHE C 133 11.45 16.73 24.13
N CYS C 134 10.34 16.59 24.86
CA CYS C 134 10.38 15.90 26.15
C CYS C 134 9.38 14.79 26.42
N PHE C 135 9.90 13.60 26.69
CA PHE C 135 9.04 12.45 26.98
C PHE C 135 8.82 12.29 28.47
N VAL C 136 7.56 12.39 28.87
CA VAL C 136 7.21 12.23 30.26
C VAL C 136 6.60 10.87 30.46
N PRO C 137 7.36 9.94 31.04
CA PRO C 137 6.91 8.58 31.30
C PRO C 137 5.65 8.55 32.15
N GLY C 138 4.71 7.68 31.76
CA GLY C 138 3.45 7.52 32.47
C GLY C 138 2.36 6.79 31.71
N ASN C 139 1.18 7.39 31.67
CA ASN C 139 0.03 6.83 30.97
C ASN C 139 -0.56 7.89 30.05
N GLU C 140 -1.58 7.53 29.28
CA GLU C 140 -2.17 8.47 28.34
C GLU C 140 -2.98 9.60 28.95
N LEU C 141 -2.98 9.71 30.27
CA LEU C 141 -3.74 10.78 30.89
C LEU C 141 -3.10 11.26 32.16
N ILE C 142 -2.17 12.18 32.00
CA ILE C 142 -1.45 12.74 33.13
C ILE C 142 -1.38 14.24 32.94
N ASP C 143 -1.93 15.00 33.88
CA ASP C 143 -1.91 16.44 33.74
C ASP C 143 -0.45 16.80 33.66
N VAL C 144 -0.08 17.52 32.62
CA VAL C 144 1.31 17.84 32.43
C VAL C 144 1.54 19.34 32.21
N THR C 145 0.44 20.07 32.11
CA THR C 145 0.54 21.52 31.89
C THR C 145 1.28 22.24 33.02
N GLY C 146 1.40 21.58 34.16
CA GLY C 146 2.10 22.20 35.28
C GLY C 146 3.56 21.82 35.29
N ILE C 147 4.23 21.99 34.16
CA ILE C 147 5.64 21.63 34.05
C ILE C 147 6.54 22.67 33.41
N THR C 148 7.33 23.38 34.22
CA THR C 148 8.23 24.38 33.70
C THR C 148 9.12 23.69 32.67
N LEU C 149 9.67 24.47 31.75
CA LEU C 149 10.57 23.88 30.78
C LEU C 149 11.65 23.24 31.63
N LYS C 150 12.22 24.03 32.54
CA LYS C 150 13.26 23.57 33.43
C LYS C 150 12.86 22.20 34.02
N GLN C 151 11.67 22.12 34.59
CA GLN C 151 11.18 20.87 35.19
C GLN C 151 11.27 19.70 34.22
N ALA C 152 10.98 19.97 32.95
CA ALA C 152 11.01 18.93 31.93
C ALA C 152 12.38 18.31 31.67
N THR C 153 13.46 19.05 31.90
CA THR C 153 14.79 18.51 31.64
C THR C 153 15.11 17.31 32.54
N THR C 154 14.25 17.06 33.52
CA THR C 154 14.48 15.92 34.40
C THR C 154 14.12 14.65 33.64
N ALA C 155 13.06 14.73 32.84
CA ALA C 155 12.65 13.59 32.06
C ALA C 155 13.58 13.49 30.87
N PRO C 156 13.62 12.32 30.23
CA PRO C 156 14.49 12.16 29.07
C PRO C 156 13.99 13.07 27.96
N CYS C 157 14.89 13.78 27.31
CA CYS C 157 14.48 14.68 26.25
C CYS C 157 15.61 15.09 25.34
N ALA C 158 15.27 15.82 24.28
CA ALA C 158 16.25 16.27 23.30
C ALA C 158 15.95 17.66 22.73
N VAL C 159 17.01 18.43 22.45
CA VAL C 159 16.86 19.76 21.90
C VAL C 159 17.33 19.77 20.46
N MET C 160 16.70 20.62 19.65
CA MET C 160 17.08 20.68 18.25
C MET C 160 17.24 22.10 17.70
N ASP C 161 18.35 22.34 17.03
CA ASP C 161 18.61 23.63 16.41
C ASP C 161 17.97 23.52 15.01
N ILE C 162 16.99 24.38 14.73
CA ILE C 162 16.28 24.34 13.44
C ILE C 162 17.06 24.79 12.23
N ALA C 163 17.73 25.92 12.37
CA ALA C 163 18.53 26.51 11.32
C ALA C 163 19.67 25.58 10.92
N GLY C 164 19.55 24.88 9.80
CA GLY C 164 20.64 23.99 9.44
C GLY C 164 20.62 23.22 8.14
N VAL C 165 21.70 22.49 7.91
CA VAL C 165 21.88 21.68 6.71
C VAL C 165 21.09 20.39 6.85
N GLN C 166 20.69 20.08 8.09
CA GLN C 166 19.89 18.89 8.36
C GLN C 166 18.44 19.35 8.56
N SER C 167 17.48 18.44 8.55
CA SER C 167 16.07 18.86 8.68
C SER C 167 15.23 18.08 9.68
N THR C 168 15.70 16.90 10.04
CA THR C 168 14.90 16.09 10.95
C THR C 168 15.57 15.49 12.16
N LEU C 169 14.95 15.68 13.32
CA LEU C 169 15.48 15.10 14.53
C LEU C 169 14.62 13.88 14.80
N ARG C 170 15.27 12.78 15.16
CA ARG C 170 14.55 11.54 15.43
C ARG C 170 14.49 11.28 16.93
N PHE C 171 13.29 11.08 17.43
CA PHE C 171 13.08 10.83 18.86
C PHE C 171 12.68 9.37 19.07
N ARG C 172 13.65 8.55 19.49
CA ARG C 172 13.41 7.13 19.72
C ARG C 172 13.00 6.90 21.16
N VAL C 173 11.69 6.92 21.41
CA VAL C 173 11.15 6.74 22.75
C VAL C 173 11.21 5.31 23.25
N PRO C 174 12.17 5.04 24.13
CA PRO C 174 12.48 3.77 24.77
C PRO C 174 11.25 3.21 25.48
N TRP C 175 11.06 1.91 25.35
CA TRP C 175 9.92 1.27 25.98
C TRP C 175 10.06 1.31 27.50
N ILE C 176 9.29 2.18 28.15
CA ILE C 176 9.31 2.32 29.60
C ILE C 176 7.91 2.10 30.17
N SER C 177 7.75 1.00 30.89
CA SER C 177 6.45 0.67 31.45
C SER C 177 6.55 -0.24 32.65
N ASP C 178 5.44 -0.31 33.39
CA ASP C 178 5.36 -1.15 34.57
C ASP C 178 4.80 -2.50 34.12
N THR C 179 4.42 -2.56 32.85
CA THR C 179 3.86 -3.77 32.25
C THR C 179 4.60 -4.14 30.97
N PRO C 180 4.66 -5.44 30.65
CA PRO C 180 5.34 -5.93 29.45
C PRO C 180 4.74 -5.42 28.15
N TYR C 181 3.45 -5.13 28.17
CA TYR C 181 2.77 -4.60 26.98
C TYR C 181 1.67 -3.64 27.39
N ARG C 182 1.32 -2.73 26.48
CA ARG C 182 0.24 -1.79 26.73
C ARG C 182 -0.96 -2.30 25.93
N VAL C 183 -2.17 -1.87 26.29
CA VAL C 183 -3.37 -2.35 25.62
C VAL C 183 -4.19 -1.30 24.87
N ASN C 184 -4.87 -1.77 23.83
CA ASN C 184 -5.71 -0.93 22.96
C ASN C 184 -7.06 -0.58 23.62
N ARG C 185 -7.02 0.19 24.70
CA ARG C 185 -8.24 0.58 25.41
C ARG C 185 -9.11 1.51 24.56
N TYR C 186 -8.58 2.01 23.45
CA TYR C 186 -9.35 2.92 22.60
C TYR C 186 -10.63 2.29 22.07
N THR C 187 -10.95 1.09 22.55
CA THR C 187 -12.18 0.44 22.11
C THR C 187 -13.21 0.50 23.21
N LYS C 188 -12.75 0.63 24.46
CA LYS C 188 -13.65 0.68 25.60
C LYS C 188 -14.42 1.98 25.73
N GLU C 189 -15.58 1.86 26.36
CA GLU C 189 -16.50 2.98 26.63
C GLU C 189 -15.73 4.09 27.37
N ALA C 190 -15.31 3.80 28.60
CA ALA C 190 -14.56 4.77 29.43
C ALA C 190 -13.12 4.34 29.68
N HIS C 191 -12.49 4.93 30.71
CA HIS C 191 -11.09 4.61 31.04
C HIS C 191 -11.02 4.05 32.43
N GLN C 192 -10.05 3.15 32.67
CA GLN C 192 -9.88 2.56 33.99
C GLN C 192 -8.42 2.67 34.43
N LYS C 193 -8.20 3.15 35.65
CA LYS C 193 -6.86 3.32 36.21
C LYS C 193 -6.04 2.06 36.04
N GLY C 194 -5.06 2.11 35.14
CA GLY C 194 -4.22 0.94 34.92
C GLY C 194 -4.32 0.38 33.51
N GLU C 195 -5.50 0.49 32.89
CA GLU C 195 -5.68 0.02 31.53
C GLU C 195 -5.26 1.19 30.65
N TYR C 196 -3.98 1.26 30.30
CA TYR C 196 -3.49 2.35 29.48
C TYR C 196 -3.06 1.94 28.08
N THR C 197 -3.09 2.90 27.16
CA THR C 197 -2.71 2.66 25.78
C THR C 197 -1.29 3.17 25.55
N ALA C 198 -0.94 4.27 26.20
CA ALA C 198 0.39 4.85 26.01
C ALA C 198 1.31 4.63 27.21
N ILE C 199 2.59 4.92 27.02
CA ILE C 199 3.58 4.78 28.07
C ILE C 199 3.95 6.13 28.65
N GLY C 200 3.26 7.17 28.19
CA GLY C 200 3.52 8.52 28.66
C GLY C 200 3.20 9.53 27.57
N LYS C 201 3.47 10.81 27.82
CA LYS C 201 3.20 11.83 26.82
C LYS C 201 4.48 12.55 26.38
N LEU C 202 4.45 13.06 25.15
CA LEU C 202 5.57 13.79 24.60
C LEU C 202 5.21 15.27 24.59
N ILE C 203 6.18 16.13 24.88
CA ILE C 203 5.93 17.56 24.94
C ILE C 203 6.90 18.38 24.11
N VAL C 204 6.37 19.38 23.41
CA VAL C 204 7.20 20.27 22.60
C VAL C 204 7.27 21.65 23.26
N TYR C 205 8.45 22.01 23.73
CA TYR C 205 8.65 23.30 24.38
C TYR C 205 9.43 24.25 23.48
N CYS C 206 9.37 25.54 23.79
CA CYS C 206 10.14 26.52 23.02
C CYS C 206 11.43 26.72 23.79
N TYR C 207 12.53 26.17 23.27
CA TYR C 207 13.82 26.29 23.94
C TYR C 207 14.37 27.69 23.78
N ASN C 208 14.60 28.11 22.54
CA ASN C 208 15.07 29.46 22.25
C ASN C 208 14.04 30.04 21.29
N ARG C 209 13.56 31.25 21.57
CA ARG C 209 12.55 31.89 20.73
C ARG C 209 12.97 31.99 19.26
N LEU C 210 11.99 31.94 18.36
CA LEU C 210 12.30 32.01 16.94
C LEU C 210 12.64 33.39 16.43
N THR C 211 13.92 33.59 16.11
CA THR C 211 14.40 34.87 15.61
C THR C 211 14.43 34.91 14.09
N SER C 212 14.43 36.11 13.53
CA SER C 212 14.48 36.24 12.09
C SER C 212 14.37 37.71 11.69
N PRO C 213 14.58 38.02 10.42
CA PRO C 213 14.49 39.40 9.93
C PRO C 213 13.03 39.76 9.79
N SER C 214 12.65 40.30 8.65
CA SER C 214 11.26 40.69 8.45
C SER C 214 10.70 40.31 7.10
N ASN C 215 11.55 39.84 6.20
CA ASN C 215 11.10 39.45 4.87
C ASN C 215 10.92 37.93 4.75
N VAL C 216 10.67 37.31 5.90
CA VAL C 216 10.45 35.87 5.96
C VAL C 216 9.30 35.67 6.91
N ALA C 217 8.60 34.56 6.76
CA ALA C 217 7.47 34.26 7.63
C ALA C 217 7.76 34.55 9.12
N HIS C 218 6.68 34.80 9.85
CA HIS C 218 6.72 35.11 11.27
C HIS C 218 6.64 33.81 12.09
N HIS C 219 6.87 32.68 11.43
CA HIS C 219 6.79 31.36 12.08
C HIS C 219 7.45 30.28 11.25
N VAL C 220 7.40 29.04 11.74
CA VAL C 220 7.98 27.91 11.01
C VAL C 220 7.20 26.65 11.35
N ARG C 221 6.60 26.03 10.33
CA ARG C 221 5.84 24.81 10.57
C ARG C 221 6.70 23.57 10.75
N VAL C 222 6.13 22.56 11.41
CA VAL C 222 6.83 21.30 11.67
C VAL C 222 5.99 20.04 11.49
N ASN C 223 6.56 19.08 10.75
CA ASN C 223 5.87 17.81 10.54
C ASN C 223 6.36 16.77 11.51
N VAL C 224 5.43 15.96 11.98
CA VAL C 224 5.76 14.92 12.93
C VAL C 224 5.34 13.58 12.40
N TYR C 225 6.33 12.81 11.96
CA TYR C 225 6.08 11.49 11.45
C TYR C 225 6.16 10.52 12.60
N LEU C 226 5.61 9.32 12.39
CA LEU C 226 5.61 8.34 13.44
C LEU C 226 5.80 6.95 12.87
N SER C 227 6.69 6.20 13.50
CA SER C 227 7.00 4.84 13.08
C SER C 227 7.60 4.16 14.29
N ALA C 228 7.74 2.85 14.22
CA ALA C 228 8.27 2.12 15.35
C ALA C 228 9.30 1.07 14.97
N ILE C 229 10.19 0.80 15.93
CA ILE C 229 11.25 -0.17 15.76
C ILE C 229 11.21 -1.12 16.95
N ASN C 230 11.58 -2.38 16.72
CA ASN C 230 11.54 -3.40 17.78
C ASN C 230 10.08 -3.45 18.21
N LEU C 231 9.21 -3.28 17.22
CA LEU C 231 7.79 -3.29 17.49
C LEU C 231 7.27 -4.71 17.62
N GLU C 232 6.29 -4.90 18.50
CA GLU C 232 5.66 -6.21 18.69
C GLU C 232 4.20 -6.00 19.05
N CYS C 233 3.33 -6.69 18.32
CA CYS C 233 1.89 -6.58 18.56
C CYS C 233 1.34 -8.00 18.54
N PHE C 234 0.33 -8.26 19.35
CA PHE C 234 -0.27 -9.59 19.34
C PHE C 234 -1.67 -9.53 19.91
N ALA C 235 -2.45 -10.56 19.58
CA ALA C 235 -3.84 -10.67 19.99
C ALA C 235 -4.67 -9.85 19.01
N PRO C 236 -4.98 -10.43 17.85
CA PRO C 236 -5.74 -9.79 16.78
C PRO C 236 -7.12 -9.33 17.21
N LEU C 237 -7.55 -8.21 16.64
CA LEU C 237 -8.88 -7.64 16.91
C LEU C 237 -9.20 -6.66 15.80
N TYR C 238 -10.44 -6.17 15.76
CA TYR C 238 -10.80 -5.20 14.74
C TYR C 238 -11.31 -3.90 15.34
N HIS C 239 -10.73 -2.80 14.89
CA HIS C 239 -11.12 -1.48 15.35
C HIS C 239 -10.46 -0.43 14.47
N ALA C 240 -11.27 0.53 14.01
CA ALA C 240 -10.76 1.60 13.19
C ALA C 240 -10.53 2.78 14.11
N MET C 241 -9.29 2.96 14.54
CA MET C 241 -8.96 4.06 15.44
C MET C 241 -9.39 5.38 14.86
N ASP C 242 -9.99 6.21 15.71
CA ASP C 242 -10.42 7.52 15.28
C ASP C 242 -9.25 8.47 15.50
N VAL C 243 -9.51 9.75 15.34
CA VAL C 243 -8.49 10.76 15.52
C VAL C 243 -8.36 11.22 16.96
N THR C 244 -7.12 11.40 17.38
CA THR C 244 -6.84 11.86 18.72
C THR C 244 -6.75 13.38 18.64
N THR C 245 -7.87 14.04 18.95
CA THR C 245 -7.97 15.50 18.91
C THR C 245 -7.16 16.22 19.97
N GLN C 246 -5.94 15.74 20.22
CA GLN C 246 -5.05 16.33 21.22
C GLN C 246 -5.82 16.86 22.42
S SO4 D . -42.49 -21.01 -0.30
O1 SO4 D . -42.00 -21.27 -1.67
O2 SO4 D . -43.23 -19.73 -0.28
O3 SO4 D . -43.39 -22.10 0.12
O4 SO4 D . -41.35 -20.92 0.63
S SO4 E . -30.20 -28.33 -5.60
O1 SO4 E . -29.64 -28.50 -6.95
O2 SO4 E . -30.01 -26.94 -5.14
O3 SO4 E . -31.64 -28.65 -5.63
O4 SO4 E . -29.51 -29.25 -4.65
CL CL F . -29.34 -35.94 13.42
CL CL G . -35.75 -34.19 13.97
CL CL H . -37.32 -14.58 -8.70
S SO4 I . -8.46 21.66 -2.56
O1 SO4 I . -7.63 20.77 -3.38
O2 SO4 I . -9.70 21.99 -3.30
O3 SO4 I . -8.80 20.97 -1.29
O4 SO4 I . -7.73 22.90 -2.24
S SO4 J . -7.34 4.12 -37.29
O1 SO4 J . -7.35 3.75 -35.86
O2 SO4 J . -5.95 4.28 -37.79
O3 SO4 J . -8.04 3.09 -38.08
O4 SO4 J . -8.07 5.40 -37.45
S SO4 K . 2.66 31.99 -15.06
O1 SO4 K . 1.55 32.01 -14.09
O2 SO4 K . 2.45 33.04 -16.09
O3 SO4 K . 3.92 32.22 -14.35
O4 SO4 K . 2.71 30.68 -15.72
S SO4 L . -2.96 17.65 29.03
O1 SO4 L . -2.78 16.32 28.39
O2 SO4 L . -4.33 17.73 29.61
O3 SO4 L . -2.79 18.69 28.01
O4 SO4 L . -1.96 17.83 30.10
S SO4 M . -2.18 26.49 12.32
O1 SO4 M . -3.14 26.54 11.12
O2 SO4 M . -1.52 27.87 12.43
O3 SO4 M . -2.95 26.16 13.60
O4 SO4 M . -1.12 25.42 12.06
#